data_1N52
#
_entry.id   1N52
#
_cell.length_a   111.681
_cell.length_b   111.681
_cell.length_c   177.588
_cell.angle_alpha   90.00
_cell.angle_beta   90.00
_cell.angle_gamma   120.00
#
_symmetry.space_group_name_H-M   'P 32 2 1'
#
loop_
_entity.id
_entity.type
_entity.pdbx_description
1 polymer '80 kDa nuclear cap binding protein'
2 polymer '20 kDa nuclear cap binding protein'
3 non-polymer 'MAGNESIUM ION'
4 non-polymer 'TETRAETHYLENE GLYCOL'
5 non-polymer GLYCEROL
6 non-polymer "7-METHYL-GUANOSINE-5'-TRIPHOSPHATE-5'-GUANOSINE"
7 water water
#
loop_
_entity_poly.entity_id
_entity_poly.type
_entity_poly.pdbx_seq_one_letter_code
_entity_poly.pdbx_strand_id
1 'polypeptide(L)'
;MSRRRHSDENDGGQPHKRRKTSDANETEDHLESLICKVGEKSACSLESNLEGLAGVLEADLPNYKSKILRLLCTVARLLP
EKLTIYTTLVGLLNARNYNFGGEFVEAMIRQLKESLKANNYNEAVYLVRFLSDLVNCHVIAAPSMVAMFENFVSVTQEED
VPQVRRDWYVYAFLSSLPWVGKELYEKKDAEMDRIFANTESYLKRRQKTHVPMLQVWTADKPHPQEEYLDCLWAQIQKLK
KDRWQERHILRPYLAFDSILCEALQHNLPPFTPPPHTEDSVYPMPRVIFRMFDYTDDPEGPVMPGSHSVERFVIEENLHC
IIKSHWKERKTCAAQLVSYPGKNKIPLNYHIVEVIFAELFQLPAPPHIDVMYTTLLIELCKLQPGSLPQVLAQATEMLYM
RLDTMNTTCVDRFINWFSHHLSNFQFRWSWEDWSDCLSQDPESPKPKFVREVLEKCMRLSYHQRILDIVPPTFSALCPAN
PTCIYKYGDESSNSLPGHSVALCLAVAFKSKATNDEIFSILKDVPNPNQDDDDDEGFSFNPLKIEVFVQTLLHLAAKSFS
HSFSALAKFHEVFKTLAESDEGKLHVLRVMFEVWRNHPQMIAVLVDKMIRTQIVDCAAVANWIFSSELSRDFTRLFVWEI
LHSTIRKMNKHVLKIQKELEEAKEKLARQHKRRSDDDDRSSDRKDGVLEEQIERLQEKVESAQSEQKNLFLVIFQRFIMI
LTEHLVRCETDGTSVLTPWYKNCIERLQQIFLQHHQIIQQYMVTLENLLFTAELDPHILAVFQQFCALQA
;
A
2 'polypeptide(L)'
;MSGGLLKALRSDSYVELSQYRDQHFRGDNEEQEKLLKKSCTLYVGNLSFYTTEEQIYELFSKSGDIKKIIMGLDKMKKTA
CGFCFVEYYSRADAENAMRYINGTRLDDRIIRTDWDAGFKEGRQYGRGRSGGQVRDEYRQDYDAGRGGYGKLAQNQ
;
B
#
loop_
_chem_comp.id
_chem_comp.type
_chem_comp.name
_chem_comp.formula
GOL non-polymer GLYCEROL 'C3 H8 O3'
GTG non-polymer 7-METHYL-GUANOSINE-5'-TRIPHOSPHATE-5'-GUANOSINE 'C21 H30 N10 O18 P3 1'
MG non-polymer 'MAGNESIUM ION' 'Mg 2'
PG4 non-polymer 'TETRAETHYLENE GLYCOL' 'C8 H18 O5'
#
# COMPACT_ATOMS: atom_id res chain seq x y z
N GLU A 26 33.08 18.94 -8.08
CA GLU A 26 33.03 19.51 -6.70
C GLU A 26 31.91 20.55 -6.65
N THR A 27 32.25 21.77 -7.03
CA THR A 27 31.30 22.89 -7.04
C THR A 27 29.85 22.47 -7.35
N GLU A 28 29.66 21.75 -8.45
CA GLU A 28 28.33 21.25 -8.84
C GLU A 28 27.67 20.74 -7.57
N ASP A 29 28.41 19.83 -6.95
CA ASP A 29 28.05 19.16 -5.71
C ASP A 29 27.73 20.12 -4.57
N HIS A 30 28.58 21.11 -4.35
CA HIS A 30 28.35 22.08 -3.28
C HIS A 30 27.07 22.89 -3.47
N LEU A 31 26.75 23.24 -4.71
CA LEU A 31 25.54 24.02 -4.98
C LEU A 31 24.32 23.24 -4.49
N GLU A 32 24.12 22.04 -5.02
CA GLU A 32 22.99 21.21 -4.62
C GLU A 32 22.95 21.06 -3.10
N SER A 33 24.12 20.93 -2.49
CA SER A 33 24.20 20.80 -1.04
C SER A 33 23.59 22.02 -0.38
N LEU A 34 24.08 23.21 -0.76
CA LEU A 34 23.58 24.47 -0.20
C LEU A 34 22.11 24.75 -0.49
N ILE A 35 21.69 24.52 -1.74
CA ILE A 35 20.30 24.74 -2.09
C ILE A 35 19.40 23.98 -1.11
N CYS A 36 19.85 22.80 -0.68
CA CYS A 36 19.08 22.00 0.26
C CYS A 36 19.20 22.50 1.70
N LYS A 37 20.40 22.94 2.08
CA LYS A 37 20.62 23.45 3.44
C LYS A 37 19.56 24.44 3.91
N VAL A 38 19.22 25.42 3.06
CA VAL A 38 18.21 26.42 3.42
C VAL A 38 16.89 25.76 3.83
N GLY A 39 16.41 24.86 3.00
CA GLY A 39 15.18 24.16 3.32
C GLY A 39 15.28 23.40 4.63
N GLU A 40 16.44 22.78 4.86
CA GLU A 40 16.67 22.00 6.09
C GLU A 40 16.70 22.89 7.32
N LYS A 41 16.55 22.27 8.50
CA LYS A 41 16.56 23.00 9.76
C LYS A 41 17.96 23.53 10.04
N SER A 42 18.09 24.85 10.01
CA SER A 42 19.37 25.50 10.25
C SER A 42 19.64 25.71 11.74
N ALA A 43 20.75 26.40 12.03
CA ALA A 43 21.14 26.70 13.40
C ALA A 43 21.47 28.20 13.43
N CYS A 44 20.74 28.94 12.58
CA CYS A 44 20.86 30.40 12.43
C CYS A 44 19.64 30.79 11.59
N SER A 45 18.85 31.74 12.08
CA SER A 45 17.62 32.16 11.40
C SER A 45 17.58 32.02 9.88
N LEU A 46 16.58 31.26 9.42
CA LEU A 46 16.33 30.99 8.01
C LEU A 46 16.55 32.18 7.08
N GLU A 47 16.02 33.34 7.47
CA GLU A 47 16.16 34.56 6.67
C GLU A 47 17.62 34.87 6.36
N SER A 48 18.48 34.58 7.34
CA SER A 48 19.92 34.82 7.18
C SER A 48 20.44 33.95 6.05
N ASN A 49 20.20 32.65 6.16
CA ASN A 49 20.64 31.69 5.15
C ASN A 49 20.16 32.07 3.76
N LEU A 50 18.89 32.46 3.64
CA LEU A 50 18.34 32.86 2.35
C LEU A 50 19.05 34.13 1.86
N GLU A 51 19.51 34.92 2.82
CA GLU A 51 20.23 36.15 2.53
C GLU A 51 21.56 35.74 1.91
N GLY A 52 22.31 34.93 2.65
CA GLY A 52 23.60 34.46 2.19
C GLY A 52 23.51 33.71 0.87
N LEU A 53 22.93 32.51 0.91
CA LEU A 53 22.80 31.71 -0.30
C LEU A 53 22.39 32.56 -1.50
N ALA A 54 21.63 33.62 -1.25
CA ALA A 54 21.17 34.51 -2.30
C ALA A 54 22.36 35.05 -3.09
N GLY A 55 23.27 35.72 -2.39
CA GLY A 55 24.44 36.26 -3.04
C GLY A 55 25.30 35.15 -3.63
N VAL A 56 25.71 34.21 -2.78
CA VAL A 56 26.54 33.08 -3.20
C VAL A 56 26.10 32.59 -4.58
N LEU A 57 24.80 32.37 -4.74
CA LEU A 57 24.26 31.89 -6.00
C LEU A 57 24.42 32.92 -7.12
N GLU A 58 24.30 34.20 -6.79
CA GLU A 58 24.46 35.22 -7.83
C GLU A 58 25.93 35.21 -8.27
N ALA A 59 26.83 35.18 -7.29
CA ALA A 59 28.25 35.19 -7.56
C ALA A 59 28.63 34.06 -8.51
N ASP A 60 27.91 32.95 -8.45
CA ASP A 60 28.23 31.81 -9.29
C ASP A 60 27.45 31.74 -10.61
N LEU A 61 26.52 32.67 -10.81
CA LEU A 61 25.72 32.70 -12.03
C LEU A 61 26.55 32.76 -13.31
N PRO A 62 27.65 33.53 -13.30
CA PRO A 62 28.50 33.62 -14.49
C PRO A 62 28.83 32.23 -15.01
N ASN A 63 29.49 31.43 -14.16
CA ASN A 63 29.87 30.08 -14.55
C ASN A 63 28.79 29.00 -14.39
N TYR A 64 28.05 29.05 -13.30
CA TYR A 64 27.02 28.06 -13.03
C TYR A 64 25.59 28.59 -13.15
N LYS A 65 25.20 28.97 -14.35
CA LYS A 65 23.85 29.48 -14.54
C LYS A 65 22.91 28.31 -14.80
N SER A 66 23.29 27.43 -15.70
CA SER A 66 22.48 26.27 -16.03
C SER A 66 22.17 25.36 -14.84
N LYS A 67 23.20 25.02 -14.06
CA LYS A 67 23.01 24.14 -12.92
C LYS A 67 22.04 24.74 -11.89
N ILE A 68 22.33 25.96 -11.43
CA ILE A 68 21.48 26.64 -10.47
C ILE A 68 20.06 26.78 -11.01
N LEU A 69 19.95 26.91 -12.33
CA LEU A 69 18.65 27.03 -12.96
C LEU A 69 17.96 25.67 -12.91
N ARG A 70 18.77 24.61 -12.97
CA ARG A 70 18.24 23.25 -12.92
C ARG A 70 17.85 22.92 -11.48
N LEU A 71 18.80 23.06 -10.57
CA LEU A 71 18.56 22.74 -9.16
C LEU A 71 17.29 23.35 -8.61
N LEU A 72 17.03 24.61 -8.95
CA LEU A 72 15.84 25.29 -8.45
C LEU A 72 14.56 24.75 -9.06
N CYS A 73 14.58 24.45 -10.36
CA CYS A 73 13.39 23.90 -11.00
C CYS A 73 13.08 22.52 -10.43
N THR A 74 14.10 21.87 -9.90
CA THR A 74 13.91 20.55 -9.33
C THR A 74 13.29 20.67 -7.94
N VAL A 75 13.96 21.41 -7.05
CA VAL A 75 13.42 21.59 -5.69
C VAL A 75 12.00 22.14 -5.74
N ALA A 76 11.65 22.74 -6.88
CA ALA A 76 10.33 23.33 -7.07
C ALA A 76 9.27 22.28 -7.27
N ARG A 77 9.62 21.21 -7.95
CA ARG A 77 8.64 20.15 -8.19
C ARG A 77 8.83 18.93 -7.29
N LEU A 78 9.89 18.90 -6.50
CA LEU A 78 10.12 17.76 -5.63
C LEU A 78 10.08 18.11 -4.15
N LEU A 79 10.16 19.40 -3.83
CA LEU A 79 10.12 19.81 -2.43
C LEU A 79 9.00 20.78 -2.08
N PRO A 80 7.77 20.48 -2.52
CA PRO A 80 6.61 21.34 -2.24
C PRO A 80 6.48 21.74 -0.78
N GLU A 81 6.78 20.82 0.12
CA GLU A 81 6.67 21.15 1.54
C GLU A 81 7.59 22.32 1.91
N LYS A 82 8.42 22.73 0.96
CA LYS A 82 9.35 23.83 1.18
C LYS A 82 9.03 25.02 0.25
N LEU A 83 7.94 24.87 -0.49
CA LEU A 83 7.45 25.87 -1.43
C LEU A 83 7.84 27.33 -1.20
N THR A 84 7.50 27.86 -0.02
CA THR A 84 7.79 29.25 0.27
C THR A 84 9.23 29.58 0.64
N ILE A 85 10.01 28.59 1.05
CA ILE A 85 11.40 28.88 1.38
C ILE A 85 12.17 29.11 0.08
N TYR A 86 11.81 28.38 -0.97
CA TYR A 86 12.49 28.50 -2.25
C TYR A 86 11.98 29.59 -3.17
N THR A 87 10.70 29.92 -3.06
CA THR A 87 10.11 30.98 -3.88
C THR A 87 10.82 32.26 -3.44
N THR A 88 10.98 32.42 -2.13
CA THR A 88 11.66 33.57 -1.59
C THR A 88 13.00 33.66 -2.32
N LEU A 89 13.78 32.58 -2.23
CA LEU A 89 15.10 32.52 -2.86
C LEU A 89 15.08 32.95 -4.33
N VAL A 90 14.09 32.49 -5.09
CA VAL A 90 14.01 32.87 -6.50
C VAL A 90 13.66 34.36 -6.57
N GLY A 91 13.32 34.92 -5.41
CA GLY A 91 12.97 36.33 -5.34
C GLY A 91 14.21 37.15 -5.07
N LEU A 92 14.87 36.88 -3.93
CA LEU A 92 16.09 37.60 -3.56
C LEU A 92 17.01 37.67 -4.78
N LEU A 93 17.00 36.59 -5.57
CA LEU A 93 17.81 36.51 -6.78
C LEU A 93 17.23 37.44 -7.84
N ASN A 94 15.95 37.29 -8.13
CA ASN A 94 15.29 38.16 -9.11
C ASN A 94 15.52 39.61 -8.68
N ALA A 95 15.85 39.80 -7.40
CA ALA A 95 16.11 41.11 -6.84
C ALA A 95 17.59 41.47 -6.93
N ARG A 96 18.30 40.77 -7.81
CA ARG A 96 19.72 41.00 -8.03
C ARG A 96 20.06 40.61 -9.45
N ASN A 97 19.07 40.21 -10.22
CA ASN A 97 19.34 39.82 -11.59
C ASN A 97 18.06 39.51 -12.37
N TYR A 98 17.35 40.58 -12.70
CA TYR A 98 16.11 40.47 -13.44
C TYR A 98 16.19 39.36 -14.49
N ASN A 99 17.18 39.45 -15.37
CA ASN A 99 17.35 38.45 -16.43
C ASN A 99 17.38 37.00 -15.95
N PHE A 100 17.84 36.79 -14.72
CA PHE A 100 17.89 35.44 -14.17
C PHE A 100 16.46 34.97 -13.93
N GLY A 101 15.73 35.74 -13.13
CA GLY A 101 14.35 35.41 -12.82
C GLY A 101 13.57 35.11 -14.08
N GLY A 102 13.84 35.87 -15.13
CA GLY A 102 13.14 35.67 -16.38
C GLY A 102 13.47 34.31 -16.98
N GLU A 103 14.68 33.84 -16.71
CA GLU A 103 15.10 32.55 -17.23
C GLU A 103 14.48 31.42 -16.41
N PHE A 104 14.48 31.59 -15.08
CA PHE A 104 13.89 30.60 -14.20
C PHE A 104 12.42 30.43 -14.62
N VAL A 105 11.69 31.54 -14.62
CA VAL A 105 10.29 31.53 -15.01
C VAL A 105 10.08 30.93 -16.39
N GLU A 106 11.13 30.97 -17.22
CA GLU A 106 11.06 30.41 -18.57
C GLU A 106 11.12 28.89 -18.48
N ALA A 107 12.02 28.41 -17.64
CA ALA A 107 12.18 26.98 -17.42
C ALA A 107 10.90 26.42 -16.82
N MET A 108 10.50 26.98 -15.68
CA MET A 108 9.28 26.57 -14.98
C MET A 108 8.13 26.31 -15.93
N ILE A 109 7.90 27.21 -16.87
CA ILE A 109 6.80 27.03 -17.80
C ILE A 109 7.09 25.84 -18.70
N ARG A 110 8.35 25.69 -19.10
CA ARG A 110 8.73 24.59 -19.96
C ARG A 110 8.59 23.30 -19.15
N GLN A 111 9.17 23.32 -17.94
CA GLN A 111 9.11 22.19 -17.02
C GLN A 111 7.64 21.80 -16.77
N LEU A 112 6.75 22.79 -16.68
CA LEU A 112 5.33 22.56 -16.45
C LEU A 112 4.64 21.95 -17.67
N LYS A 113 5.03 22.38 -18.87
CA LYS A 113 4.42 21.86 -20.07
C LYS A 113 4.78 20.40 -20.24
N GLU A 114 5.96 20.02 -19.74
CA GLU A 114 6.42 18.65 -19.85
C GLU A 114 5.63 17.74 -18.92
N SER A 115 5.59 18.11 -17.64
CA SER A 115 4.87 17.32 -16.64
C SER A 115 3.45 17.06 -17.11
N LEU A 116 2.83 18.09 -17.69
CA LEU A 116 1.46 17.98 -18.19
C LEU A 116 1.32 16.98 -19.33
N LYS A 117 2.19 17.08 -20.33
CA LYS A 117 2.13 16.18 -21.48
C LYS A 117 2.40 14.73 -21.09
N ALA A 118 3.19 14.54 -20.03
CA ALA A 118 3.53 13.20 -19.55
C ALA A 118 2.54 12.65 -18.53
N ASN A 119 1.40 13.31 -18.35
CA ASN A 119 0.39 12.87 -17.39
C ASN A 119 0.88 12.89 -15.94
N ASN A 120 1.87 13.70 -15.61
CA ASN A 120 2.36 13.74 -14.24
C ASN A 120 1.72 14.94 -13.55
N TYR A 121 0.40 14.99 -13.62
CA TYR A 121 -0.40 16.06 -13.04
C TYR A 121 -0.15 16.43 -11.59
N ASN A 122 0.16 15.45 -10.75
CA ASN A 122 0.40 15.77 -9.34
C ASN A 122 1.66 16.61 -9.20
N GLU A 123 2.62 16.39 -10.07
CA GLU A 123 3.88 17.13 -10.06
C GLU A 123 3.60 18.55 -10.58
N ALA A 124 2.73 18.63 -11.59
CA ALA A 124 2.36 19.91 -12.18
C ALA A 124 1.84 20.85 -11.09
N VAL A 125 0.82 20.41 -10.37
CA VAL A 125 0.23 21.23 -9.30
C VAL A 125 1.29 21.93 -8.46
N TYR A 126 2.37 21.22 -8.13
CA TYR A 126 3.42 21.80 -7.33
C TYR A 126 4.14 22.90 -8.10
N LEU A 127 4.17 22.77 -9.42
CA LEU A 127 4.82 23.77 -10.24
C LEU A 127 3.87 24.96 -10.27
N VAL A 128 2.67 24.73 -10.79
CA VAL A 128 1.61 25.75 -10.89
C VAL A 128 1.44 26.51 -9.60
N ARG A 129 1.71 25.84 -8.49
CA ARG A 129 1.59 26.45 -7.17
C ARG A 129 2.85 27.22 -6.79
N PHE A 130 3.97 26.82 -7.38
CA PHE A 130 5.23 27.50 -7.09
C PHE A 130 5.23 28.84 -7.82
N LEU A 131 4.70 28.84 -9.04
CA LEU A 131 4.59 30.07 -9.80
C LEU A 131 3.73 30.99 -8.93
N SER A 132 2.50 30.54 -8.64
CA SER A 132 1.59 31.32 -7.82
C SER A 132 2.30 32.09 -6.71
N ASP A 133 2.94 31.38 -5.80
CA ASP A 133 3.61 32.04 -4.67
C ASP A 133 4.72 33.01 -5.07
N LEU A 134 5.24 32.87 -6.28
CA LEU A 134 6.31 33.77 -6.74
C LEU A 134 5.74 35.18 -6.84
N VAL A 135 4.46 35.26 -7.18
CA VAL A 135 3.78 36.54 -7.28
C VAL A 135 3.92 37.29 -5.97
N ASN A 136 3.97 36.57 -4.85
CA ASN A 136 4.11 37.20 -3.54
C ASN A 136 5.56 37.57 -3.28
N CYS A 137 6.43 37.14 -4.17
CA CYS A 137 7.85 37.41 -4.05
C CYS A 137 8.30 38.45 -5.07
N HIS A 138 7.33 39.07 -5.73
CA HIS A 138 7.64 40.06 -6.76
C HIS A 138 8.61 39.43 -7.74
N VAL A 139 8.09 38.51 -8.54
CA VAL A 139 8.89 37.83 -9.54
C VAL A 139 8.00 37.64 -10.75
N ILE A 140 6.71 37.48 -10.50
CA ILE A 140 5.73 37.29 -11.55
C ILE A 140 4.60 38.33 -11.35
N ALA A 141 4.19 38.93 -12.45
CA ALA A 141 3.15 39.96 -12.43
C ALA A 141 1.82 39.43 -11.93
N ALA A 142 1.40 39.93 -10.77
CA ALA A 142 0.13 39.51 -10.17
C ALA A 142 -0.94 39.36 -11.24
N PRO A 143 -1.04 40.34 -12.16
CA PRO A 143 -2.06 40.23 -13.21
C PRO A 143 -1.78 39.06 -14.14
N SER A 144 -0.51 38.74 -14.31
CA SER A 144 -0.07 37.67 -15.19
C SER A 144 -0.63 36.32 -14.76
N MET A 145 -0.52 36.01 -13.47
CA MET A 145 -1.00 34.76 -12.91
C MET A 145 -2.49 34.61 -13.28
N VAL A 146 -3.28 35.63 -12.94
CA VAL A 146 -4.71 35.64 -13.20
C VAL A 146 -5.09 35.22 -14.61
N ALA A 147 -4.34 35.70 -15.61
CA ALA A 147 -4.63 35.37 -17.00
C ALA A 147 -4.51 33.88 -17.27
N MET A 148 -3.54 33.24 -16.60
CA MET A 148 -3.32 31.80 -16.77
C MET A 148 -4.48 31.03 -16.16
N PHE A 149 -4.74 31.31 -14.87
CA PHE A 149 -5.84 30.66 -14.17
C PHE A 149 -7.14 30.79 -14.94
N GLU A 150 -7.37 31.96 -15.51
CA GLU A 150 -8.59 32.17 -16.27
C GLU A 150 -8.69 31.12 -17.36
N ASN A 151 -7.53 30.71 -17.87
CA ASN A 151 -7.48 29.69 -18.92
C ASN A 151 -7.61 28.28 -18.38
N PHE A 152 -7.21 28.10 -17.12
CA PHE A 152 -7.34 26.80 -16.47
C PHE A 152 -8.82 26.52 -16.35
N VAL A 153 -9.53 27.42 -15.68
CA VAL A 153 -10.96 27.27 -15.50
C VAL A 153 -11.67 27.10 -16.82
N SER A 154 -11.13 27.72 -17.87
CA SER A 154 -11.71 27.63 -19.20
C SER A 154 -11.86 26.20 -19.67
N VAL A 155 -11.09 25.30 -19.06
CA VAL A 155 -11.15 23.90 -19.44
C VAL A 155 -12.56 23.37 -19.18
N THR A 156 -13.22 23.90 -18.16
CA THR A 156 -14.57 23.47 -17.80
C THR A 156 -15.54 23.60 -18.99
N GLN A 157 -15.21 24.51 -19.92
CA GLN A 157 -16.05 24.71 -21.10
C GLN A 157 -15.73 23.70 -22.18
N GLU A 158 -14.46 23.34 -22.29
CA GLU A 158 -13.97 22.37 -23.28
C GLU A 158 -15.02 21.31 -23.53
N GLU A 159 -15.28 20.98 -24.80
CA GLU A 159 -16.29 20.00 -25.12
C GLU A 159 -15.80 18.58 -25.32
N ASP A 160 -16.54 17.62 -24.76
CA ASP A 160 -16.22 16.20 -24.86
C ASP A 160 -14.90 15.79 -24.21
N VAL A 161 -14.68 16.23 -22.98
CA VAL A 161 -13.48 15.87 -22.25
C VAL A 161 -13.87 15.31 -20.87
N PRO A 162 -13.10 14.35 -20.34
CA PRO A 162 -13.35 13.72 -19.05
C PRO A 162 -13.43 14.73 -17.91
N GLN A 163 -14.38 14.53 -17.00
CA GLN A 163 -14.56 15.43 -15.86
C GLN A 163 -13.31 15.48 -15.00
N VAL A 164 -12.59 14.35 -14.90
CA VAL A 164 -11.37 14.32 -14.11
C VAL A 164 -10.36 15.32 -14.68
N ARG A 165 -10.53 15.66 -15.95
CA ARG A 165 -9.65 16.64 -16.60
C ARG A 165 -10.08 18.02 -16.17
N ARG A 166 -11.38 18.31 -16.36
CA ARG A 166 -11.94 19.60 -15.99
C ARG A 166 -11.72 19.82 -14.48
N ASP A 167 -11.67 18.74 -13.73
CA ASP A 167 -11.46 18.79 -12.28
C ASP A 167 -10.06 19.19 -11.87
N TRP A 168 -9.06 18.65 -12.56
CA TRP A 168 -7.69 18.95 -12.21
C TRP A 168 -7.32 20.42 -12.35
N TYR A 169 -7.75 21.08 -13.41
CA TYR A 169 -7.44 22.49 -13.58
C TYR A 169 -8.03 23.38 -12.49
N VAL A 170 -9.26 23.07 -12.08
CA VAL A 170 -9.93 23.83 -11.00
C VAL A 170 -9.16 23.62 -9.70
N TYR A 171 -8.79 22.38 -9.46
CA TYR A 171 -8.05 22.01 -8.26
C TYR A 171 -6.70 22.71 -8.27
N ALA A 172 -6.03 22.70 -9.42
CA ALA A 172 -4.74 23.36 -9.55
C ALA A 172 -4.92 24.84 -9.20
N PHE A 173 -6.06 25.40 -9.64
CA PHE A 173 -6.37 26.80 -9.38
C PHE A 173 -6.68 27.04 -7.90
N LEU A 174 -7.74 26.42 -7.38
CA LEU A 174 -8.12 26.60 -5.98
C LEU A 174 -7.03 26.29 -4.96
N SER A 175 -6.30 25.19 -5.16
CA SER A 175 -5.24 24.79 -4.23
C SER A 175 -4.10 25.80 -4.17
N SER A 176 -4.10 26.75 -5.10
CA SER A 176 -3.07 27.78 -5.16
C SER A 176 -3.45 28.97 -4.28
N LEU A 177 -4.72 29.36 -4.35
CA LEU A 177 -5.24 30.51 -3.61
C LEU A 177 -4.73 30.64 -2.18
N PRO A 178 -4.55 29.51 -1.46
CA PRO A 178 -4.06 29.70 -0.09
C PRO A 178 -2.75 30.51 -0.12
N TRP A 179 -2.06 30.47 -1.25
CA TRP A 179 -0.79 31.18 -1.40
C TRP A 179 -0.95 32.49 -2.17
N VAL A 180 -1.52 32.41 -3.37
CA VAL A 180 -1.69 33.59 -4.20
C VAL A 180 -2.96 34.41 -3.92
N GLY A 181 -4.09 33.73 -3.75
CA GLY A 181 -5.37 34.38 -3.47
C GLY A 181 -5.40 35.77 -2.83
N LYS A 182 -4.77 35.93 -1.66
CA LYS A 182 -4.76 37.21 -0.96
C LYS A 182 -4.36 38.40 -1.83
N GLU A 183 -3.18 38.31 -2.45
CA GLU A 183 -2.70 39.37 -3.32
C GLU A 183 -3.32 39.26 -4.71
N LEU A 184 -3.66 38.05 -5.13
CA LEU A 184 -4.28 37.88 -6.44
C LEU A 184 -5.69 38.46 -6.38
N TYR A 185 -6.05 38.97 -5.21
CA TYR A 185 -7.36 39.56 -5.02
C TYR A 185 -7.26 41.08 -5.02
N GLU A 186 -6.03 41.58 -4.94
CA GLU A 186 -5.76 43.01 -4.96
C GLU A 186 -6.01 43.47 -6.39
N LYS A 187 -5.93 42.54 -7.32
CA LYS A 187 -6.14 42.86 -8.73
C LYS A 187 -7.20 41.99 -9.39
N LYS A 188 -7.50 42.32 -10.64
CA LYS A 188 -8.48 41.63 -11.48
C LYS A 188 -9.67 40.98 -10.76
N ASP A 189 -10.12 41.60 -9.68
CA ASP A 189 -11.26 41.06 -8.95
C ASP A 189 -12.42 40.88 -9.94
N ALA A 190 -12.45 41.73 -10.97
CA ALA A 190 -13.51 41.65 -11.99
C ALA A 190 -13.56 40.26 -12.61
N GLU A 191 -12.42 39.80 -13.12
CA GLU A 191 -12.35 38.47 -13.71
C GLU A 191 -12.13 37.47 -12.57
N MET A 192 -11.48 37.92 -11.50
CA MET A 192 -11.24 37.08 -10.34
C MET A 192 -12.50 36.91 -9.53
N ASP A 193 -13.62 37.18 -10.20
CA ASP A 193 -14.96 37.03 -9.66
C ASP A 193 -15.67 36.22 -10.73
N ARG A 194 -15.37 36.54 -11.99
CA ARG A 194 -15.96 35.85 -13.13
C ARG A 194 -15.42 34.42 -13.22
N ILE A 195 -14.25 34.19 -12.62
CA ILE A 195 -13.63 32.87 -12.61
C ILE A 195 -14.38 32.05 -11.56
N PHE A 196 -14.52 32.60 -10.36
CA PHE A 196 -15.25 31.94 -9.28
C PHE A 196 -16.66 31.63 -9.77
N ALA A 197 -17.17 32.52 -10.61
CA ALA A 197 -18.50 32.35 -11.16
C ALA A 197 -18.56 31.07 -11.99
N ASN A 198 -17.67 30.93 -12.96
CA ASN A 198 -17.70 29.73 -13.80
C ASN A 198 -17.35 28.49 -12.99
N THR A 199 -16.58 28.68 -11.92
CA THR A 199 -16.19 27.58 -11.05
C THR A 199 -17.45 27.11 -10.33
N GLU A 200 -18.01 27.99 -9.51
CA GLU A 200 -19.23 27.70 -8.78
C GLU A 200 -20.19 26.97 -9.71
N SER A 201 -20.37 27.54 -10.88
CA SER A 201 -21.26 26.94 -11.86
C SER A 201 -20.81 25.52 -12.17
N TYR A 202 -19.53 25.36 -12.46
CA TYR A 202 -18.98 24.04 -12.79
C TYR A 202 -19.10 23.10 -11.60
N LEU A 203 -18.72 23.56 -10.42
CA LEU A 203 -18.78 22.73 -9.23
C LEU A 203 -20.18 22.17 -8.93
N LYS A 204 -21.22 22.90 -9.31
CA LYS A 204 -22.58 22.47 -9.05
C LYS A 204 -23.11 21.57 -10.16
N ARG A 205 -22.35 21.42 -11.23
CA ARG A 205 -22.80 20.58 -12.35
C ARG A 205 -22.06 19.26 -12.45
N ARG A 206 -21.05 19.08 -11.60
CA ARG A 206 -20.27 17.85 -11.61
C ARG A 206 -21.10 16.70 -11.08
N GLN A 207 -20.89 15.51 -11.64
CA GLN A 207 -21.59 14.33 -11.15
C GLN A 207 -20.76 13.90 -9.95
N LYS A 208 -21.38 13.26 -8.98
CA LYS A 208 -20.63 12.81 -7.81
C LYS A 208 -20.84 11.33 -7.60
N THR A 209 -20.97 10.60 -8.70
CA THR A 209 -21.21 9.16 -8.66
C THR A 209 -20.16 8.34 -7.91
N HIS A 210 -18.93 8.85 -7.89
CA HIS A 210 -17.82 8.17 -7.26
C HIS A 210 -17.71 8.23 -5.74
N VAL A 211 -18.37 9.21 -5.13
CA VAL A 211 -18.25 9.38 -3.69
C VAL A 211 -18.52 8.13 -2.84
N PRO A 212 -19.67 7.46 -3.03
CA PRO A 212 -19.96 6.28 -2.24
C PRO A 212 -18.87 5.22 -2.29
N MET A 213 -18.18 5.15 -3.42
CA MET A 213 -17.12 4.17 -3.59
C MET A 213 -15.78 4.59 -2.99
N LEU A 214 -15.62 5.88 -2.71
CA LEU A 214 -14.36 6.37 -2.17
C LEU A 214 -14.38 6.74 -0.70
N GLN A 215 -15.56 6.81 -0.11
CA GLN A 215 -15.70 7.17 1.31
C GLN A 215 -15.22 6.09 2.25
N VAL A 216 -14.47 6.50 3.28
CA VAL A 216 -13.98 5.54 4.26
C VAL A 216 -15.13 5.10 5.17
N TRP A 217 -16.07 6.02 5.42
CA TRP A 217 -17.28 5.79 6.23
C TRP A 217 -18.46 6.43 5.49
N THR A 218 -19.64 5.80 5.56
CA THR A 218 -20.83 6.34 4.90
C THR A 218 -21.63 7.18 5.91
N ALA A 219 -21.30 7.05 7.18
CA ALA A 219 -21.99 7.81 8.22
C ALA A 219 -21.65 9.30 8.09
N ASP A 220 -22.65 10.15 8.25
CA ASP A 220 -22.43 11.61 8.15
C ASP A 220 -21.94 12.15 9.47
N LYS A 221 -22.02 11.33 10.51
CA LYS A 221 -21.58 11.76 11.81
C LYS A 221 -20.67 10.71 12.39
N PRO A 222 -19.71 11.14 13.22
CA PRO A 222 -19.49 12.55 13.58
C PRO A 222 -18.99 13.46 12.46
N HIS A 223 -18.17 12.91 11.56
CA HIS A 223 -17.57 13.69 10.48
C HIS A 223 -17.94 13.29 9.04
N PRO A 224 -18.53 14.22 8.27
CA PRO A 224 -18.88 13.89 6.88
C PRO A 224 -17.58 13.71 6.10
N GLN A 225 -17.53 12.74 5.20
CA GLN A 225 -16.34 12.50 4.39
C GLN A 225 -16.69 13.14 3.04
N GLU A 226 -16.21 14.37 2.85
CA GLU A 226 -16.51 15.17 1.65
C GLU A 226 -15.68 14.97 0.38
N GLU A 227 -16.34 15.14 -0.76
CA GLU A 227 -15.70 15.04 -2.07
C GLU A 227 -14.63 16.13 -2.02
N TYR A 228 -13.43 15.83 -2.51
CA TYR A 228 -12.30 16.77 -2.43
C TYR A 228 -12.46 18.19 -2.99
N LEU A 229 -13.24 18.34 -4.08
CA LEU A 229 -13.43 19.66 -4.67
C LEU A 229 -14.44 20.49 -3.87
N ASP A 230 -15.47 19.83 -3.33
CA ASP A 230 -16.48 20.52 -2.53
C ASP A 230 -15.84 20.99 -1.24
N CYS A 231 -15.00 20.13 -0.66
CA CYS A 231 -14.33 20.47 0.58
C CYS A 231 -13.41 21.66 0.37
N LEU A 232 -12.64 21.65 -0.72
CA LEU A 232 -11.72 22.75 -1.01
C LEU A 232 -12.51 24.02 -1.35
N TRP A 233 -13.59 23.88 -2.11
CA TRP A 233 -14.42 25.04 -2.45
C TRP A 233 -14.85 25.71 -1.16
N ALA A 234 -15.39 24.90 -0.25
CA ALA A 234 -15.84 25.42 1.03
C ALA A 234 -14.68 26.05 1.78
N GLN A 235 -13.47 25.54 1.56
CA GLN A 235 -12.31 26.08 2.24
C GLN A 235 -11.90 27.46 1.73
N ILE A 236 -11.91 27.62 0.41
CA ILE A 236 -11.58 28.89 -0.19
C ILE A 236 -12.51 29.95 0.40
N GLN A 237 -13.81 29.65 0.36
CA GLN A 237 -14.82 30.57 0.88
C GLN A 237 -14.47 31.14 2.25
N LYS A 238 -14.28 30.29 3.24
CA LYS A 238 -13.94 30.78 4.57
C LYS A 238 -12.73 31.70 4.51
N LEU A 239 -11.86 31.48 3.53
CA LEU A 239 -10.66 32.30 3.38
C LEU A 239 -11.02 33.65 2.74
N LYS A 240 -11.76 33.59 1.64
CA LYS A 240 -12.19 34.78 0.92
C LYS A 240 -12.99 35.67 1.85
N LYS A 241 -14.04 35.11 2.43
CA LYS A 241 -14.89 35.84 3.35
C LYS A 241 -14.08 36.24 4.59
N ASP A 242 -12.80 35.91 4.61
CA ASP A 242 -11.95 36.29 5.73
C ASP A 242 -10.90 37.27 5.19
N ARG A 243 -11.17 37.79 4.00
CA ARG A 243 -10.28 38.74 3.33
C ARG A 243 -8.95 38.10 2.95
N TRP A 244 -9.00 36.80 2.64
CA TRP A 244 -7.83 36.04 2.24
C TRP A 244 -6.69 36.18 3.22
N GLN A 245 -6.97 35.99 4.49
CA GLN A 245 -5.92 36.10 5.49
C GLN A 245 -5.82 34.80 6.26
N GLU A 246 -4.93 33.90 5.82
CA GLU A 246 -4.75 32.63 6.51
C GLU A 246 -3.59 32.83 7.50
N ARG A 247 -3.50 31.97 8.51
CA ARG A 247 -2.44 32.14 9.48
C ARG A 247 -1.54 30.94 9.70
N HIS A 248 -1.16 30.27 8.61
CA HIS A 248 -0.28 29.12 8.76
C HIS A 248 0.89 29.14 7.79
N ILE A 249 0.59 29.24 6.50
CA ILE A 249 1.61 29.27 5.47
C ILE A 249 2.75 30.22 5.78
N LEU A 250 3.90 29.68 6.19
CA LEU A 250 5.06 30.52 6.48
C LEU A 250 5.47 31.26 5.21
N ARG A 251 5.84 32.53 5.38
CA ARG A 251 6.26 33.34 4.24
C ARG A 251 7.57 34.07 4.56
N PRO A 252 8.72 33.47 4.19
CA PRO A 252 9.98 34.13 4.48
C PRO A 252 10.10 35.44 3.68
N TYR A 253 9.51 35.43 2.48
CA TYR A 253 9.53 36.59 1.61
C TYR A 253 8.77 37.75 2.19
N LEU A 254 8.42 37.61 3.46
CA LEU A 254 7.69 38.64 4.18
C LEU A 254 8.68 39.55 4.90
N ALA A 255 9.78 38.97 5.38
CA ALA A 255 10.81 39.72 6.09
C ALA A 255 11.84 40.30 5.14
N PHE A 256 11.52 40.29 3.86
CA PHE A 256 12.41 40.81 2.81
C PHE A 256 11.67 41.77 1.89
N ASP A 257 10.68 42.47 2.43
CA ASP A 257 9.89 43.43 1.64
C ASP A 257 10.79 44.57 1.18
N SER A 258 11.75 44.94 2.02
CA SER A 258 12.68 46.01 1.71
C SER A 258 13.28 45.76 0.33
N ILE A 259 13.83 44.56 0.16
CA ILE A 259 14.46 44.18 -1.09
C ILE A 259 13.47 43.84 -2.21
N LEU A 260 12.68 42.79 -2.01
CA LEU A 260 11.72 42.34 -3.02
C LEU A 260 10.83 43.43 -3.58
N CYS A 261 10.61 44.48 -2.79
CA CYS A 261 9.76 45.59 -3.22
C CYS A 261 10.13 46.10 -4.61
N GLU A 262 11.28 46.76 -4.70
CA GLU A 262 11.75 47.34 -5.96
C GLU A 262 12.13 46.34 -7.05
N ALA A 263 11.91 45.06 -6.81
CA ALA A 263 12.24 44.04 -7.80
C ALA A 263 11.31 44.18 -9.01
N LEU A 264 11.78 43.77 -10.18
CA LEU A 264 10.96 43.88 -11.38
C LEU A 264 10.32 42.56 -11.80
N GLN A 265 9.03 42.45 -11.56
CA GLN A 265 8.29 41.23 -11.90
C GLN A 265 8.32 40.94 -13.40
N HIS A 266 7.87 39.73 -13.77
CA HIS A 266 7.83 39.28 -15.17
C HIS A 266 6.42 38.85 -15.56
N ASN A 267 6.25 38.47 -16.83
CA ASN A 267 4.93 38.07 -17.33
C ASN A 267 4.92 36.67 -17.96
N LEU A 268 4.20 35.76 -17.34
CA LEU A 268 4.11 34.39 -17.85
C LEU A 268 3.43 34.43 -19.22
N PRO A 269 4.04 33.80 -20.23
CA PRO A 269 3.47 33.78 -21.58
C PRO A 269 2.07 33.18 -21.62
N PRO A 270 1.27 33.53 -22.64
CA PRO A 270 -0.10 33.00 -22.75
C PRO A 270 -0.09 31.46 -22.65
N PHE A 271 -0.67 30.94 -21.58
CA PHE A 271 -0.72 29.48 -21.37
C PHE A 271 -1.96 28.83 -21.91
N THR A 272 -1.79 27.98 -22.93
CA THR A 272 -2.91 27.27 -23.53
C THR A 272 -2.85 25.81 -23.09
N PRO A 273 -3.69 25.42 -22.12
CA PRO A 273 -3.70 24.04 -21.63
C PRO A 273 -3.66 23.00 -22.74
N PRO A 274 -2.80 21.97 -22.59
CA PRO A 274 -2.66 20.90 -23.59
C PRO A 274 -3.97 20.18 -23.91
N PRO A 275 -4.25 20.00 -25.20
CA PRO A 275 -5.47 19.33 -25.67
C PRO A 275 -5.63 17.91 -25.15
N HIS A 276 -6.82 17.60 -24.65
CA HIS A 276 -7.10 16.26 -24.16
C HIS A 276 -6.92 15.24 -25.28
N THR A 277 -6.03 14.28 -25.07
CA THR A 277 -5.79 13.24 -26.06
C THR A 277 -6.23 11.89 -25.51
N GLU A 278 -6.19 10.88 -26.37
CA GLU A 278 -6.59 9.52 -25.98
C GLU A 278 -5.47 8.91 -25.13
N ASP A 279 -4.39 9.65 -24.96
CA ASP A 279 -3.27 9.19 -24.17
C ASP A 279 -3.19 9.91 -22.84
N SER A 280 -4.16 10.78 -22.60
CA SER A 280 -4.21 11.55 -21.37
C SER A 280 -4.76 10.68 -20.25
N VAL A 281 -4.22 10.87 -19.04
CA VAL A 281 -4.66 10.12 -17.87
C VAL A 281 -4.62 11.11 -16.73
N TYR A 282 -5.78 11.38 -16.15
CA TYR A 282 -5.85 12.36 -15.07
C TYR A 282 -6.09 11.77 -13.68
N PRO A 283 -5.60 12.46 -12.63
CA PRO A 283 -5.79 11.96 -11.27
C PRO A 283 -7.25 11.58 -11.03
N MET A 284 -7.47 10.54 -10.24
CA MET A 284 -8.84 10.11 -9.92
C MET A 284 -9.35 11.07 -8.86
N PRO A 285 -10.69 11.22 -8.75
CA PRO A 285 -11.28 12.11 -7.74
C PRO A 285 -10.97 11.58 -6.34
N ARG A 286 -11.10 12.42 -5.31
CA ARG A 286 -10.79 11.94 -3.97
C ARG A 286 -11.85 12.36 -2.95
N VAL A 287 -11.83 11.72 -1.77
CA VAL A 287 -12.74 12.03 -0.67
C VAL A 287 -11.86 12.36 0.55
N ILE A 288 -12.14 13.47 1.22
CA ILE A 288 -11.31 13.89 2.33
C ILE A 288 -11.51 13.08 3.61
N PHE A 289 -10.46 12.41 4.04
CA PHE A 289 -10.52 11.62 5.25
C PHE A 289 -10.52 12.58 6.43
N ARG A 290 -11.49 12.42 7.32
CA ARG A 290 -11.59 13.28 8.47
C ARG A 290 -12.04 12.44 9.68
N MET A 291 -11.28 12.52 10.77
CA MET A 291 -11.66 11.81 12.00
C MET A 291 -11.49 12.69 13.25
N PHE A 292 -10.73 13.78 13.14
CA PHE A 292 -10.54 14.65 14.30
C PHE A 292 -11.16 16.05 14.20
N ASP A 293 -11.39 16.66 15.36
CA ASP A 293 -11.93 18.02 15.48
C ASP A 293 -11.32 18.53 16.78
N TYR A 294 -11.35 19.84 17.00
CA TYR A 294 -10.74 20.42 18.20
C TYR A 294 -11.23 19.83 19.52
N THR A 295 -12.42 19.24 19.54
CA THR A 295 -12.91 18.68 20.79
C THR A 295 -12.19 17.38 21.14
N ASP A 296 -11.47 16.82 20.18
CA ASP A 296 -10.75 15.57 20.47
C ASP A 296 -9.45 15.84 21.19
N ASP A 297 -9.13 17.13 21.35
CA ASP A 297 -7.93 17.55 22.07
C ASP A 297 -8.24 18.82 22.84
N PRO A 298 -9.19 18.74 23.79
CA PRO A 298 -9.58 19.90 24.60
C PRO A 298 -8.38 20.67 25.13
N GLU A 299 -7.51 19.97 25.85
CA GLU A 299 -6.33 20.59 26.43
C GLU A 299 -5.15 20.53 25.47
N GLY A 300 -5.25 21.33 24.41
CA GLY A 300 -4.20 21.38 23.42
C GLY A 300 -4.49 22.57 22.51
N PRO A 301 -3.49 23.07 21.79
CA PRO A 301 -3.76 24.22 20.92
C PRO A 301 -4.93 23.91 20.00
N VAL A 302 -5.89 24.81 19.95
CA VAL A 302 -7.07 24.64 19.11
C VAL A 302 -6.71 24.16 17.71
N MET A 303 -7.39 23.10 17.28
CA MET A 303 -7.16 22.50 15.98
C MET A 303 -7.87 23.24 14.86
N PRO A 304 -7.16 23.56 13.76
CA PRO A 304 -7.81 24.27 12.66
C PRO A 304 -9.05 23.47 12.23
N GLY A 305 -10.15 24.16 11.95
CA GLY A 305 -11.37 23.47 11.53
C GLY A 305 -11.27 22.77 10.19
N SER A 306 -12.20 21.85 9.94
CA SER A 306 -12.22 21.07 8.70
C SER A 306 -12.35 21.93 7.46
N HIS A 307 -13.00 23.08 7.58
CA HIS A 307 -13.17 23.95 6.43
C HIS A 307 -12.20 25.12 6.43
N SER A 308 -11.14 25.01 7.24
CA SER A 308 -10.16 26.08 7.27
C SER A 308 -9.06 25.68 6.30
N VAL A 309 -8.49 26.67 5.60
CA VAL A 309 -7.41 26.35 4.68
C VAL A 309 -6.22 25.86 5.47
N GLU A 310 -6.12 26.26 6.73
CA GLU A 310 -5.00 25.81 7.55
C GLU A 310 -5.00 24.27 7.61
N ARG A 311 -6.17 23.67 7.63
CA ARG A 311 -6.26 22.21 7.69
C ARG A 311 -5.68 21.61 6.40
N PHE A 312 -6.13 22.15 5.26
CA PHE A 312 -5.68 21.71 3.95
C PHE A 312 -4.16 21.81 3.86
N VAL A 313 -3.66 23.01 4.01
CA VAL A 313 -2.23 23.24 3.96
C VAL A 313 -1.46 22.32 4.94
N ILE A 314 -1.91 22.19 6.19
CA ILE A 314 -1.20 21.35 7.14
C ILE A 314 -1.13 19.88 6.70
N GLU A 315 -2.25 19.34 6.23
CA GLU A 315 -2.24 17.95 5.79
C GLU A 315 -1.46 17.78 4.50
N GLU A 316 -1.51 18.80 3.64
CA GLU A 316 -0.81 18.78 2.35
C GLU A 316 0.69 18.65 2.58
N ASN A 317 1.22 19.50 3.45
CA ASN A 317 2.64 19.47 3.74
C ASN A 317 3.01 18.15 4.38
N LEU A 318 2.18 17.66 5.29
CA LEU A 318 2.45 16.39 5.98
C LEU A 318 2.46 15.23 4.98
N HIS A 319 1.52 15.26 4.04
CA HIS A 319 1.43 14.23 3.01
C HIS A 319 2.67 14.30 2.12
N CYS A 320 3.09 15.52 1.80
CA CYS A 320 4.26 15.73 0.96
C CYS A 320 5.55 15.34 1.66
N ILE A 321 5.60 15.49 2.98
CA ILE A 321 6.78 15.13 3.74
C ILE A 321 6.94 13.61 3.70
N ILE A 322 5.83 12.89 3.84
CA ILE A 322 5.87 11.44 3.81
C ILE A 322 6.27 10.96 2.41
N LYS A 323 5.85 11.70 1.40
CA LYS A 323 6.17 11.38 0.01
C LYS A 323 7.67 11.57 -0.28
N SER A 324 8.29 12.47 0.45
CA SER A 324 9.72 12.75 0.26
C SER A 324 10.61 11.83 1.06
N HIS A 325 10.12 11.30 2.17
CA HIS A 325 10.95 10.43 2.98
C HIS A 325 10.44 9.04 3.24
N TRP A 326 9.44 8.61 2.49
CA TRP A 326 8.84 7.29 2.71
C TRP A 326 9.82 6.12 2.76
N LYS A 327 10.91 6.18 2.00
CA LYS A 327 11.90 5.09 1.99
C LYS A 327 12.71 4.95 3.29
N GLU A 328 12.89 6.04 4.02
CA GLU A 328 13.62 6.02 5.29
C GLU A 328 12.68 6.40 6.42
N ARG A 329 12.21 5.39 7.16
CA ARG A 329 11.25 5.62 8.23
C ARG A 329 11.70 6.53 9.37
N LYS A 330 12.96 6.42 9.77
CA LYS A 330 13.48 7.22 10.87
C LYS A 330 13.60 8.70 10.49
N THR A 331 14.06 8.96 9.27
CA THR A 331 14.20 10.34 8.82
C THR A 331 12.79 10.89 8.71
N CYS A 332 11.89 10.07 8.19
CA CYS A 332 10.50 10.48 7.99
C CYS A 332 9.79 10.97 9.25
N ALA A 333 9.87 10.20 10.32
CA ALA A 333 9.22 10.58 11.57
C ALA A 333 9.73 11.94 12.02
N ALA A 334 11.04 12.12 11.90
CA ALA A 334 11.75 13.32 12.29
C ALA A 334 11.34 14.56 11.50
N GLN A 335 11.10 14.41 10.22
CA GLN A 335 10.70 15.54 9.41
C GLN A 335 9.26 15.90 9.76
N LEU A 336 8.48 14.89 10.13
CA LEU A 336 7.08 15.11 10.49
C LEU A 336 7.01 15.85 11.84
N VAL A 337 7.64 15.27 12.85
CA VAL A 337 7.65 15.82 14.20
C VAL A 337 8.24 17.22 14.32
N SER A 338 9.14 17.57 13.41
CA SER A 338 9.77 18.88 13.45
C SER A 338 9.09 19.83 12.47
N TYR A 339 7.96 19.40 11.90
CA TYR A 339 7.23 20.24 10.96
C TYR A 339 7.17 21.66 11.52
N PRO A 340 7.43 22.66 10.68
CA PRO A 340 7.38 24.05 11.14
C PRO A 340 6.00 24.68 10.91
N GLY A 341 5.26 24.90 11.99
CA GLY A 341 3.96 25.52 11.87
C GLY A 341 4.09 27.00 12.24
N LYS A 342 3.53 27.89 11.43
CA LYS A 342 3.59 29.33 11.73
C LYS A 342 3.01 29.60 13.13
N ASN A 343 1.82 29.06 13.37
CA ASN A 343 1.13 29.19 14.66
C ASN A 343 0.97 27.78 15.22
N LYS A 344 1.10 27.62 16.53
CA LYS A 344 0.98 26.31 17.14
C LYS A 344 -0.30 25.57 16.75
N ILE A 345 -0.18 24.26 16.63
CA ILE A 345 -1.28 23.38 16.24
C ILE A 345 -1.10 22.03 16.92
N PRO A 346 -2.18 21.23 17.02
CA PRO A 346 -2.06 19.91 17.66
C PRO A 346 -1.36 18.97 16.67
N LEU A 347 -0.06 19.17 16.49
CA LEU A 347 0.74 18.39 15.56
C LEU A 347 0.56 16.86 15.63
N ASN A 348 0.72 16.28 16.81
CA ASN A 348 0.58 14.83 16.95
C ASN A 348 -0.71 14.31 16.33
N TYR A 349 -1.80 15.03 16.55
CA TYR A 349 -3.09 14.66 16.01
C TYR A 349 -3.13 14.76 14.49
N HIS A 350 -2.45 15.77 13.95
CA HIS A 350 -2.39 15.95 12.50
C HIS A 350 -1.56 14.85 11.86
N ILE A 351 -0.53 14.42 12.57
CA ILE A 351 0.36 13.37 12.07
C ILE A 351 -0.36 12.02 11.99
N VAL A 352 -1.11 11.68 13.05
CA VAL A 352 -1.84 10.43 13.07
C VAL A 352 -2.99 10.47 12.06
N GLU A 353 -3.70 11.59 12.03
CA GLU A 353 -4.82 11.70 11.10
C GLU A 353 -4.33 11.54 9.66
N VAL A 354 -3.26 12.23 9.32
CA VAL A 354 -2.73 12.14 7.97
C VAL A 354 -2.18 10.75 7.62
N ILE A 355 -1.65 10.03 8.60
CA ILE A 355 -1.14 8.70 8.31
C ILE A 355 -2.28 7.73 8.06
N PHE A 356 -3.36 7.84 8.83
CA PHE A 356 -4.52 6.98 8.62
C PHE A 356 -5.24 7.39 7.34
N ALA A 357 -5.16 8.67 7.02
CA ALA A 357 -5.78 9.21 5.81
C ALA A 357 -5.14 8.50 4.61
N GLU A 358 -3.87 8.17 4.75
CA GLU A 358 -3.13 7.51 3.67
C GLU A 358 -3.34 6.00 3.68
N LEU A 359 -3.32 5.38 4.85
CA LEU A 359 -3.53 3.95 4.95
C LEU A 359 -4.92 3.57 4.43
N PHE A 360 -5.93 4.33 4.84
CA PHE A 360 -7.31 4.06 4.44
C PHE A 360 -7.77 4.73 3.14
N GLN A 361 -6.84 5.26 2.36
CA GLN A 361 -7.24 5.92 1.11
C GLN A 361 -7.72 4.98 0.02
N LEU A 362 -8.89 5.27 -0.54
CA LEU A 362 -9.45 4.45 -1.62
C LEU A 362 -9.28 5.19 -2.93
N PRO A 363 -8.95 4.46 -4.01
CA PRO A 363 -8.76 3.00 -4.03
C PRO A 363 -7.53 2.45 -3.30
N ALA A 364 -6.37 3.08 -3.47
CA ALA A 364 -5.15 2.61 -2.82
C ALA A 364 -4.35 3.67 -2.09
N PRO A 365 -3.51 3.27 -1.12
CA PRO A 365 -2.68 4.19 -0.35
C PRO A 365 -1.52 4.59 -1.25
N PRO A 366 -0.94 5.77 -1.00
CA PRO A 366 0.18 6.18 -1.85
C PRO A 366 1.36 5.21 -1.74
N HIS A 367 1.61 4.68 -0.54
CA HIS A 367 2.75 3.79 -0.36
C HIS A 367 2.39 2.41 0.19
N ILE A 368 3.34 1.50 0.17
CA ILE A 368 3.11 0.13 0.66
C ILE A 368 2.60 0.15 2.11
N ASP A 369 1.50 -0.56 2.34
CA ASP A 369 0.85 -0.62 3.65
C ASP A 369 1.69 -0.77 4.91
N VAL A 370 2.65 -1.69 4.87
CA VAL A 370 3.50 -1.95 6.04
C VAL A 370 4.35 -0.72 6.45
N MET A 371 4.47 0.23 5.53
CA MET A 371 5.26 1.42 5.81
C MET A 371 4.64 2.28 6.88
N TYR A 372 3.32 2.34 6.91
CA TYR A 372 2.62 3.16 7.88
C TYR A 372 2.71 2.59 9.28
N THR A 373 2.79 1.27 9.36
CA THR A 373 2.88 0.58 10.61
C THR A 373 4.17 0.95 11.34
N THR A 374 5.31 0.71 10.68
CA THR A 374 6.60 1.02 11.29
C THR A 374 6.83 2.53 11.37
N LEU A 375 6.24 3.28 10.44
CA LEU A 375 6.40 4.73 10.51
C LEU A 375 5.80 5.18 11.85
N LEU A 376 4.61 4.67 12.17
CA LEU A 376 3.95 5.00 13.43
C LEU A 376 4.81 4.56 14.62
N ILE A 377 5.43 3.40 14.50
CA ILE A 377 6.29 2.92 15.58
C ILE A 377 7.42 3.95 15.77
N GLU A 378 8.12 4.30 14.70
CA GLU A 378 9.20 5.30 14.77
C GLU A 378 8.75 6.65 15.42
N LEU A 379 7.49 7.02 15.22
CA LEU A 379 6.95 8.26 15.78
C LEU A 379 6.72 8.08 17.29
N CYS A 380 6.34 6.89 17.68
CA CYS A 380 6.12 6.62 19.10
C CYS A 380 7.46 6.59 19.85
N LYS A 381 8.53 6.18 19.17
CA LYS A 381 9.85 6.13 19.81
C LYS A 381 10.47 7.52 19.92
N LEU A 382 10.01 8.43 19.06
CA LEU A 382 10.50 9.82 19.00
C LEU A 382 9.76 10.77 19.98
N GLN A 383 8.47 10.53 20.21
CA GLN A 383 7.64 11.32 21.13
C GLN A 383 7.02 10.36 22.11
N PRO A 384 7.85 9.62 22.85
CA PRO A 384 7.39 8.63 23.83
C PRO A 384 6.33 9.17 24.78
N GLY A 385 6.46 10.44 25.14
CA GLY A 385 5.53 11.04 26.09
C GLY A 385 4.20 11.58 25.62
N SER A 386 3.98 11.67 24.30
CA SER A 386 2.71 12.22 23.83
C SER A 386 2.04 11.56 22.62
N LEU A 387 2.82 10.92 21.76
CA LEU A 387 2.26 10.29 20.56
C LEU A 387 1.39 9.07 20.89
N PRO A 388 1.93 8.10 21.67
CA PRO A 388 1.16 6.89 22.05
C PRO A 388 -0.26 7.11 22.53
N GLN A 389 -0.49 8.15 23.33
CA GLN A 389 -1.84 8.40 23.85
C GLN A 389 -2.77 8.78 22.71
N VAL A 390 -2.28 9.62 21.81
CA VAL A 390 -3.08 10.05 20.67
C VAL A 390 -3.35 8.84 19.78
N LEU A 391 -2.32 8.02 19.56
CA LEU A 391 -2.47 6.83 18.72
C LEU A 391 -3.46 5.88 19.37
N ALA A 392 -3.47 5.86 20.71
CA ALA A 392 -4.39 5.00 21.44
C ALA A 392 -5.79 5.59 21.42
N GLN A 393 -5.87 6.90 21.26
CA GLN A 393 -7.15 7.58 21.23
C GLN A 393 -7.81 7.32 19.89
N ALA A 394 -7.00 7.40 18.84
CA ALA A 394 -7.45 7.19 17.46
C ALA A 394 -7.92 5.74 17.24
N THR A 395 -7.20 4.79 17.83
CA THR A 395 -7.57 3.38 17.70
C THR A 395 -8.98 3.24 18.29
N GLU A 396 -9.16 3.74 19.50
CA GLU A 396 -10.47 3.67 20.15
C GLU A 396 -11.58 4.24 19.26
N MET A 397 -11.31 5.42 18.69
CA MET A 397 -12.28 6.11 17.83
C MET A 397 -12.60 5.32 16.57
N LEU A 398 -11.57 4.71 15.98
CA LEU A 398 -11.76 3.92 14.77
C LEU A 398 -12.66 2.74 15.09
N TYR A 399 -12.38 2.05 16.19
CA TYR A 399 -13.18 0.90 16.57
C TYR A 399 -14.65 1.29 16.78
N MET A 400 -14.88 2.42 17.44
CA MET A 400 -16.25 2.87 17.70
C MET A 400 -17.02 3.32 16.46
N ARG A 401 -16.33 3.58 15.36
CA ARG A 401 -16.98 4.04 14.15
C ARG A 401 -17.02 2.95 13.09
N LEU A 402 -16.65 1.73 13.51
CA LEU A 402 -16.59 0.55 12.66
C LEU A 402 -17.86 0.20 11.90
N ASP A 403 -19.01 0.44 12.51
CA ASP A 403 -20.29 0.10 11.89
C ASP A 403 -20.51 0.55 10.44
N THR A 404 -19.89 1.65 10.03
CA THR A 404 -20.06 2.12 8.65
C THR A 404 -18.74 2.27 7.90
N MET A 405 -17.65 1.71 8.43
CA MET A 405 -16.37 1.79 7.73
C MET A 405 -16.41 0.82 6.55
N ASN A 406 -15.80 1.21 5.42
CA ASN A 406 -15.81 0.36 4.23
C ASN A 406 -14.96 -0.88 4.42
N THR A 407 -15.50 -2.02 3.98
CA THR A 407 -14.82 -3.31 4.11
C THR A 407 -13.32 -3.25 3.74
N THR A 408 -12.98 -2.63 2.61
CA THR A 408 -11.59 -2.55 2.19
C THR A 408 -10.71 -1.85 3.23
N CYS A 409 -11.28 -0.90 3.96
CA CYS A 409 -10.51 -0.18 4.96
C CYS A 409 -10.40 -1.03 6.22
N VAL A 410 -11.50 -1.68 6.58
CA VAL A 410 -11.50 -2.52 7.74
C VAL A 410 -10.35 -3.51 7.65
N ASP A 411 -10.25 -4.21 6.51
CA ASP A 411 -9.16 -5.16 6.33
C ASP A 411 -7.85 -4.51 6.67
N ARG A 412 -7.68 -3.28 6.16
CA ARG A 412 -6.47 -2.51 6.38
C ARG A 412 -6.25 -2.21 7.85
N PHE A 413 -7.36 -1.97 8.55
CA PHE A 413 -7.38 -1.64 9.96
C PHE A 413 -6.93 -2.87 10.76
N ILE A 414 -7.50 -4.03 10.43
CA ILE A 414 -7.17 -5.29 11.09
C ILE A 414 -5.70 -5.59 10.98
N ASN A 415 -5.19 -5.63 9.75
CA ASN A 415 -3.79 -5.91 9.52
C ASN A 415 -2.86 -4.93 10.21
N TRP A 416 -3.22 -3.64 10.18
CA TRP A 416 -2.40 -2.64 10.83
C TRP A 416 -2.36 -2.87 12.33
N PHE A 417 -3.53 -2.93 12.94
CA PHE A 417 -3.63 -3.09 14.38
C PHE A 417 -3.01 -4.38 14.91
N SER A 418 -3.24 -5.50 14.24
CA SER A 418 -2.69 -6.76 14.67
C SER A 418 -1.17 -6.77 14.51
N HIS A 419 -0.68 -6.18 13.42
CA HIS A 419 0.76 -6.14 13.24
C HIS A 419 1.36 -5.19 14.29
N HIS A 420 0.63 -4.12 14.58
CA HIS A 420 1.09 -3.14 15.55
C HIS A 420 1.19 -3.77 16.94
N LEU A 421 0.14 -4.50 17.33
CA LEU A 421 0.13 -5.18 18.62
C LEU A 421 1.32 -6.10 18.80
N SER A 422 1.67 -6.84 17.76
CA SER A 422 2.77 -7.80 17.85
C SER A 422 4.13 -7.17 18.11
N ASN A 423 4.20 -5.84 18.04
CA ASN A 423 5.45 -5.13 18.28
C ASN A 423 5.45 -4.56 19.70
N PHE A 424 4.32 -4.69 20.37
CA PHE A 424 4.17 -4.18 21.73
C PHE A 424 3.59 -5.27 22.61
N GLN A 425 4.12 -6.48 22.47
CA GLN A 425 3.69 -7.63 23.24
C GLN A 425 2.20 -7.87 23.33
N PHE A 426 1.46 -7.51 22.28
CA PHE A 426 0.01 -7.73 22.27
C PHE A 426 -0.69 -7.13 23.48
N ARG A 427 -0.24 -5.96 23.92
CA ARG A 427 -0.84 -5.32 25.07
C ARG A 427 -1.90 -4.31 24.64
N TRP A 428 -3.14 -4.58 25.00
CA TRP A 428 -4.23 -3.70 24.66
C TRP A 428 -5.29 -3.89 25.74
N SER A 429 -6.08 -2.85 25.99
CA SER A 429 -7.13 -2.90 26.99
C SER A 429 -8.40 -3.44 26.32
N TRP A 430 -8.45 -4.75 26.15
CA TRP A 430 -9.58 -5.38 25.49
C TRP A 430 -10.96 -5.15 26.08
N GLU A 431 -11.05 -4.96 27.39
CA GLU A 431 -12.35 -4.75 27.99
C GLU A 431 -13.01 -3.45 27.51
N ASP A 432 -12.21 -2.50 27.04
CA ASP A 432 -12.76 -1.24 26.53
C ASP A 432 -13.74 -1.57 25.42
N TRP A 433 -13.54 -2.71 24.76
CA TRP A 433 -14.40 -3.13 23.65
C TRP A 433 -15.36 -4.25 24.02
N SER A 434 -15.76 -4.30 25.30
CA SER A 434 -16.68 -5.32 25.78
C SER A 434 -18.02 -5.33 25.05
N ASP A 435 -18.44 -4.16 24.58
CA ASP A 435 -19.72 -4.03 23.89
C ASP A 435 -19.90 -5.02 22.73
N CYS A 436 -18.80 -5.38 22.09
CA CYS A 436 -18.88 -6.31 20.96
C CYS A 436 -19.34 -7.69 21.43
N LEU A 437 -19.00 -8.05 22.66
CA LEU A 437 -19.34 -9.36 23.20
C LEU A 437 -20.82 -9.73 23.11
N SER A 438 -21.70 -8.75 23.18
CA SER A 438 -23.12 -9.06 23.14
C SER A 438 -23.82 -8.60 21.86
N GLN A 439 -23.07 -8.58 20.75
CA GLN A 439 -23.65 -8.18 19.49
C GLN A 439 -23.68 -9.40 18.60
N ASP A 440 -24.45 -9.31 17.52
CA ASP A 440 -24.51 -10.43 16.57
C ASP A 440 -23.05 -10.69 16.19
N PRO A 441 -22.64 -11.96 16.15
CA PRO A 441 -21.24 -12.21 15.77
C PRO A 441 -20.88 -11.58 14.44
N GLU A 442 -21.90 -11.33 13.61
CA GLU A 442 -21.71 -10.75 12.26
C GLU A 442 -21.48 -9.25 12.25
N SER A 443 -21.87 -8.56 13.32
CA SER A 443 -21.68 -7.12 13.39
C SER A 443 -20.19 -6.78 13.20
N PRO A 444 -19.90 -5.61 12.62
CA PRO A 444 -18.54 -5.13 12.37
C PRO A 444 -17.59 -5.17 13.57
N LYS A 445 -18.07 -4.78 14.75
CA LYS A 445 -17.20 -4.78 15.92
C LYS A 445 -16.72 -6.17 16.34
N PRO A 446 -17.64 -7.10 16.63
CA PRO A 446 -17.14 -8.43 17.01
C PRO A 446 -16.31 -9.09 15.91
N LYS A 447 -16.76 -8.96 14.67
CA LYS A 447 -16.04 -9.56 13.56
C LYS A 447 -14.65 -8.96 13.52
N PHE A 448 -14.54 -7.65 13.68
CA PHE A 448 -13.23 -7.00 13.67
C PHE A 448 -12.33 -7.60 14.74
N VAL A 449 -12.86 -7.81 15.94
CA VAL A 449 -12.04 -8.37 17.02
C VAL A 449 -11.60 -9.79 16.68
N ARG A 450 -12.54 -10.57 16.20
CA ARG A 450 -12.25 -11.95 15.84
C ARG A 450 -11.12 -11.99 14.81
N GLU A 451 -11.23 -11.17 13.78
CA GLU A 451 -10.21 -11.13 12.72
C GLU A 451 -8.87 -10.63 13.26
N VAL A 452 -8.88 -9.59 14.07
CA VAL A 452 -7.63 -9.08 14.62
C VAL A 452 -6.93 -10.19 15.39
N LEU A 453 -7.68 -10.88 16.25
CA LEU A 453 -7.12 -11.97 17.03
C LEU A 453 -6.56 -13.09 16.17
N GLU A 454 -7.27 -13.40 15.09
CA GLU A 454 -6.86 -14.44 14.15
C GLU A 454 -5.50 -14.04 13.61
N LYS A 455 -5.38 -12.77 13.25
CA LYS A 455 -4.14 -12.24 12.72
C LYS A 455 -3.02 -12.30 13.74
N CYS A 456 -3.34 -12.02 15.00
CA CYS A 456 -2.31 -12.05 16.05
C CYS A 456 -1.79 -13.48 16.18
N MET A 457 -2.67 -14.47 16.05
CA MET A 457 -2.26 -15.86 16.17
C MET A 457 -1.24 -16.25 15.10
N ARG A 458 -1.46 -15.78 13.89
CA ARG A 458 -0.57 -16.06 12.78
C ARG A 458 0.79 -15.38 12.95
N LEU A 459 0.87 -14.33 13.77
CA LEU A 459 2.15 -13.66 14.02
C LEU A 459 2.84 -14.27 15.25
N SER A 460 2.18 -15.23 15.88
CA SER A 460 2.74 -15.94 17.05
C SER A 460 2.17 -17.35 17.09
N TYR A 461 1.25 -17.60 18.00
CA TYR A 461 0.63 -18.92 18.11
C TYR A 461 -0.63 -18.92 18.95
N HIS A 462 -1.47 -19.90 18.69
CA HIS A 462 -2.76 -20.07 19.35
C HIS A 462 -2.77 -19.73 20.84
N GLN A 463 -2.14 -20.57 21.64
CA GLN A 463 -2.12 -20.36 23.08
C GLN A 463 -1.78 -18.93 23.54
N ARG A 464 -0.82 -18.30 22.87
CA ARG A 464 -0.41 -16.95 23.24
C ARG A 464 -1.58 -15.94 23.22
N ILE A 465 -2.41 -16.04 22.19
CA ILE A 465 -3.56 -15.15 22.06
C ILE A 465 -4.65 -15.43 23.08
N LEU A 466 -4.86 -16.71 23.41
CA LEU A 466 -5.86 -17.05 24.41
C LEU A 466 -5.44 -16.40 25.70
N ASP A 467 -4.14 -16.27 25.90
CA ASP A 467 -3.61 -15.68 27.12
C ASP A 467 -3.66 -14.15 27.22
N ILE A 468 -3.77 -13.44 26.10
CA ILE A 468 -3.76 -11.98 26.15
C ILE A 468 -5.11 -11.30 26.36
N VAL A 469 -6.17 -11.94 25.89
CA VAL A 469 -7.51 -11.37 26.04
C VAL A 469 -8.16 -11.90 27.29
N PRO A 470 -9.12 -11.14 27.85
CA PRO A 470 -9.84 -11.55 29.06
C PRO A 470 -10.71 -12.78 28.82
N PRO A 471 -11.04 -13.51 29.90
CA PRO A 471 -11.89 -14.70 29.83
C PRO A 471 -13.15 -14.46 29.02
N THR A 472 -13.73 -13.27 29.20
CA THR A 472 -14.96 -12.89 28.49
C THR A 472 -14.86 -12.86 26.96
N PHE A 473 -13.65 -12.66 26.46
CA PHE A 473 -13.42 -12.62 25.01
C PHE A 473 -13.10 -13.96 24.39
N SER A 474 -12.72 -14.93 25.22
CA SER A 474 -12.36 -16.26 24.74
C SER A 474 -13.19 -16.70 23.54
N ALA A 475 -14.49 -16.45 23.60
CA ALA A 475 -15.39 -16.84 22.51
C ALA A 475 -14.96 -16.29 21.14
N LEU A 476 -14.27 -15.16 21.12
CA LEU A 476 -13.85 -14.57 19.86
C LEU A 476 -12.47 -15.01 19.41
N CYS A 477 -11.76 -15.74 20.26
CA CYS A 477 -10.44 -16.25 19.93
C CYS A 477 -10.57 -17.19 18.73
N PRO A 478 -9.47 -17.39 17.98
CA PRO A 478 -9.42 -18.26 16.81
C PRO A 478 -9.29 -19.73 17.17
N ALA A 479 -9.88 -20.60 16.35
CA ALA A 479 -9.83 -22.02 16.58
C ALA A 479 -8.39 -22.50 16.46
N ASN A 480 -8.06 -23.57 17.19
CA ASN A 480 -6.73 -24.14 17.14
C ASN A 480 -6.57 -24.64 15.70
N PRO A 481 -5.50 -24.21 15.01
CA PRO A 481 -5.23 -24.61 13.62
C PRO A 481 -4.76 -26.04 13.38
N THR A 482 -5.60 -27.02 13.78
CA THR A 482 -5.28 -28.44 13.62
C THR A 482 -5.79 -29.06 12.33
N CYS A 483 -4.97 -29.97 11.79
CA CYS A 483 -5.28 -30.68 10.56
C CYS A 483 -6.53 -31.52 10.83
N ILE A 484 -7.29 -31.83 9.79
CA ILE A 484 -8.49 -32.64 9.92
C ILE A 484 -8.44 -33.77 8.88
N TYR A 485 -7.86 -34.91 9.25
CA TYR A 485 -7.76 -36.04 8.32
C TYR A 485 -9.10 -36.74 8.27
N LYS A 486 -9.51 -37.14 7.07
CA LYS A 486 -10.78 -37.83 6.90
C LYS A 486 -10.61 -39.28 7.33
N TYR A 487 -9.88 -40.07 6.53
CA TYR A 487 -9.67 -41.48 6.83
C TYR A 487 -8.65 -41.71 7.95
N GLY A 488 -8.42 -40.69 8.75
CA GLY A 488 -7.45 -40.79 9.84
C GLY A 488 -7.93 -41.66 10.97
N ASP A 489 -7.57 -41.31 12.20
CA ASP A 489 -8.01 -42.06 13.38
C ASP A 489 -9.51 -41.86 13.49
N GLU A 490 -10.11 -42.11 12.35
CA GLU A 490 -11.53 -42.02 12.12
C GLU A 490 -12.13 -43.22 12.79
N SER A 491 -11.68 -44.39 12.30
CA SER A 491 -12.17 -45.67 12.77
C SER A 491 -13.58 -45.80 12.22
N SER A 492 -14.02 -44.72 11.57
CA SER A 492 -15.31 -44.65 10.89
C SER A 492 -14.85 -44.97 9.45
N ASN A 493 -14.81 -46.27 9.16
CA ASN A 493 -14.35 -46.82 7.88
C ASN A 493 -15.37 -47.14 6.80
N SER A 494 -16.61 -46.73 7.00
CA SER A 494 -17.65 -46.99 6.01
C SER A 494 -17.44 -46.06 4.82
N LEU A 495 -16.38 -45.25 4.89
CA LEU A 495 -16.06 -44.29 3.86
C LEU A 495 -15.34 -44.89 2.67
N PRO A 496 -15.70 -44.46 1.45
CA PRO A 496 -15.12 -44.93 0.19
C PRO A 496 -13.61 -44.64 0.11
N GLY A 497 -12.88 -45.50 -0.60
CA GLY A 497 -11.45 -45.33 -0.73
C GLY A 497 -10.69 -45.40 0.59
N HIS A 498 -11.40 -45.70 1.68
CA HIS A 498 -10.76 -45.77 2.99
C HIS A 498 -9.45 -46.56 3.01
N SER A 499 -9.53 -47.86 2.71
CA SER A 499 -8.33 -48.70 2.69
C SER A 499 -7.29 -48.16 1.73
N VAL A 500 -7.74 -47.74 0.54
CA VAL A 500 -6.83 -47.19 -0.48
C VAL A 500 -5.97 -46.11 0.16
N ALA A 501 -6.61 -45.26 0.97
CA ALA A 501 -5.94 -44.18 1.68
C ALA A 501 -4.90 -44.75 2.63
N LEU A 502 -5.28 -45.82 3.33
CA LEU A 502 -4.41 -46.49 4.28
C LEU A 502 -3.14 -47.03 3.62
N CYS A 503 -3.25 -47.47 2.37
CA CYS A 503 -2.08 -47.98 1.63
C CYS A 503 -1.19 -46.77 1.31
N LEU A 504 -1.83 -45.68 0.88
CA LEU A 504 -1.12 -44.45 0.55
C LEU A 504 -0.29 -43.98 1.74
N ALA A 505 -0.93 -43.88 2.89
CA ALA A 505 -0.23 -43.47 4.10
C ALA A 505 1.03 -44.31 4.26
N VAL A 506 0.87 -45.63 4.07
CA VAL A 506 1.97 -46.59 4.17
C VAL A 506 3.07 -46.30 3.14
N ALA A 507 2.66 -46.10 1.89
CA ALA A 507 3.61 -45.80 0.82
C ALA A 507 4.39 -44.51 1.10
N PHE A 508 3.66 -43.43 1.35
CA PHE A 508 4.29 -42.14 1.63
C PHE A 508 5.37 -42.24 2.70
N LYS A 509 5.01 -42.83 3.84
CA LYS A 509 5.94 -43.01 4.95
C LYS A 509 7.12 -43.90 4.56
N SER A 510 7.00 -44.56 3.40
CA SER A 510 8.03 -45.46 2.91
C SER A 510 8.90 -44.90 1.79
N LYS A 511 8.73 -43.61 1.48
CA LYS A 511 9.48 -42.98 0.39
C LYS A 511 9.01 -43.58 -0.93
N ALA A 512 7.69 -43.70 -1.08
CA ALA A 512 7.11 -44.25 -2.30
C ALA A 512 7.41 -43.34 -3.48
N THR A 513 7.22 -43.87 -4.68
CA THR A 513 7.46 -43.11 -5.91
C THR A 513 6.10 -42.79 -6.54
N ASN A 514 6.10 -41.91 -7.54
CA ASN A 514 4.86 -41.54 -8.22
C ASN A 514 4.12 -42.75 -8.78
N ASP A 515 4.83 -43.51 -9.61
CA ASP A 515 4.25 -44.69 -10.25
C ASP A 515 3.69 -45.66 -9.20
N GLU A 516 4.37 -45.79 -8.08
CA GLU A 516 3.90 -46.66 -7.02
C GLU A 516 2.57 -46.11 -6.51
N ILE A 517 2.53 -44.82 -6.20
CA ILE A 517 1.32 -44.16 -5.73
C ILE A 517 0.21 -44.27 -6.77
N PHE A 518 0.58 -44.18 -8.05
CA PHE A 518 -0.37 -44.30 -9.14
C PHE A 518 -1.02 -45.69 -9.06
N SER A 519 -0.17 -46.68 -8.83
CA SER A 519 -0.60 -48.07 -8.70
C SER A 519 -1.64 -48.17 -7.59
N ILE A 520 -1.27 -47.72 -6.40
CA ILE A 520 -2.15 -47.74 -5.23
C ILE A 520 -3.49 -47.11 -5.62
N LEU A 521 -3.40 -46.06 -6.43
CA LEU A 521 -4.57 -45.34 -6.89
C LEU A 521 -5.37 -46.05 -7.98
N LYS A 522 -4.73 -46.97 -8.70
CA LYS A 522 -5.44 -47.69 -9.74
C LYS A 522 -6.59 -48.50 -9.15
N ASP A 523 -6.51 -48.77 -7.86
CA ASP A 523 -7.55 -49.53 -7.16
C ASP A 523 -8.62 -48.62 -6.56
N VAL A 524 -9.05 -47.62 -7.34
CA VAL A 524 -10.06 -46.70 -6.84
C VAL A 524 -11.28 -46.60 -7.75
N PRO A 525 -12.46 -46.98 -7.22
CA PRO A 525 -13.73 -46.94 -7.97
C PRO A 525 -14.32 -45.53 -8.01
N ASN A 526 -14.86 -45.14 -9.16
CA ASN A 526 -15.45 -43.82 -9.31
C ASN A 526 -16.89 -43.79 -8.80
N PHE A 539 -11.58 -37.77 -14.99
CA PHE A 539 -11.82 -37.12 -13.70
C PHE A 539 -12.43 -38.08 -12.67
N ASN A 540 -11.60 -38.50 -11.71
CA ASN A 540 -12.06 -39.40 -10.65
C ASN A 540 -12.09 -38.69 -9.31
N PRO A 541 -13.28 -38.25 -8.87
CA PRO A 541 -13.33 -37.56 -7.59
C PRO A 541 -12.72 -38.33 -6.42
N LEU A 542 -13.14 -39.58 -6.22
CA LEU A 542 -12.63 -40.37 -5.09
C LEU A 542 -11.12 -40.53 -5.02
N LYS A 543 -10.45 -40.61 -6.18
CA LYS A 543 -8.99 -40.74 -6.20
C LYS A 543 -8.36 -39.46 -5.63
N ILE A 544 -8.86 -38.31 -6.09
CA ILE A 544 -8.35 -37.02 -5.63
C ILE A 544 -8.43 -36.94 -4.11
N GLU A 545 -9.64 -37.09 -3.59
CA GLU A 545 -9.88 -37.04 -2.17
C GLU A 545 -8.96 -37.90 -1.29
N VAL A 546 -8.79 -39.17 -1.64
CA VAL A 546 -7.93 -40.05 -0.84
C VAL A 546 -6.46 -39.67 -0.97
N PHE A 547 -6.09 -39.14 -2.13
CA PHE A 547 -4.72 -38.72 -2.36
C PHE A 547 -4.42 -37.47 -1.54
N VAL A 548 -5.19 -36.42 -1.79
CA VAL A 548 -5.04 -35.14 -1.09
C VAL A 548 -5.16 -35.32 0.43
N GLN A 549 -6.28 -35.88 0.89
CA GLN A 549 -6.48 -36.11 2.31
C GLN A 549 -5.28 -36.77 2.96
N THR A 550 -4.68 -37.72 2.25
CA THR A 550 -3.55 -38.47 2.77
C THR A 550 -2.21 -37.74 2.63
N LEU A 551 -1.96 -37.17 1.46
CA LEU A 551 -0.71 -36.46 1.22
C LEU A 551 -0.55 -35.27 2.16
N LEU A 552 -1.63 -34.51 2.36
CA LEU A 552 -1.60 -33.35 3.25
C LEU A 552 -1.44 -33.72 4.72
N HIS A 553 -2.14 -34.78 5.15
CA HIS A 553 -2.04 -35.24 6.53
C HIS A 553 -0.63 -35.63 6.93
N LEU A 554 0.11 -36.25 6.01
CA LEU A 554 1.48 -36.67 6.31
C LEU A 554 2.53 -35.58 6.09
N ALA A 555 2.07 -34.34 6.00
CA ALA A 555 2.97 -33.20 5.82
C ALA A 555 2.39 -32.04 6.60
N ALA A 556 1.50 -32.38 7.55
CA ALA A 556 0.83 -31.39 8.38
C ALA A 556 1.67 -30.83 9.52
N LYS A 557 2.97 -31.11 9.53
CA LYS A 557 3.80 -30.59 10.60
C LYS A 557 4.36 -29.21 10.27
N SER A 558 4.57 -28.93 8.99
CA SER A 558 5.09 -27.63 8.59
C SER A 558 4.73 -27.24 7.16
N PHE A 559 4.90 -25.95 6.85
CA PHE A 559 4.62 -25.44 5.50
C PHE A 559 5.61 -26.07 4.55
N SER A 560 6.86 -26.13 4.97
CA SER A 560 7.92 -26.68 4.12
C SER A 560 7.74 -28.15 3.75
N HIS A 561 7.04 -28.91 4.60
CA HIS A 561 6.78 -30.33 4.33
C HIS A 561 5.71 -30.45 3.25
N SER A 562 4.61 -29.72 3.46
CA SER A 562 3.50 -29.72 2.53
C SER A 562 3.97 -29.30 1.13
N PHE A 563 4.85 -28.31 1.09
CA PHE A 563 5.40 -27.82 -0.17
C PHE A 563 6.13 -28.95 -0.91
N SER A 564 7.20 -29.46 -0.30
CA SER A 564 7.96 -30.55 -0.90
C SER A 564 7.01 -31.69 -1.26
N ALA A 565 6.02 -31.93 -0.40
CA ALA A 565 5.06 -32.98 -0.69
C ALA A 565 4.43 -32.70 -2.06
N LEU A 566 3.95 -31.48 -2.28
CA LEU A 566 3.33 -31.10 -3.55
C LEU A 566 4.32 -31.20 -4.71
N ALA A 567 5.58 -30.89 -4.42
CA ALA A 567 6.64 -30.91 -5.42
C ALA A 567 7.03 -32.33 -5.82
N LYS A 568 7.13 -33.21 -4.84
CA LYS A 568 7.51 -34.60 -5.10
C LYS A 568 6.44 -35.29 -5.93
N PHE A 569 5.24 -35.44 -5.38
CA PHE A 569 4.16 -36.11 -6.09
C PHE A 569 3.40 -35.13 -6.96
N HIS A 570 4.14 -34.17 -7.49
CA HIS A 570 3.57 -33.16 -8.37
C HIS A 570 2.95 -33.79 -9.60
N GLU A 571 3.61 -34.82 -10.13
CA GLU A 571 3.10 -35.51 -11.33
C GLU A 571 1.73 -36.11 -11.07
N VAL A 572 1.53 -36.67 -9.88
CA VAL A 572 0.24 -37.26 -9.57
C VAL A 572 -0.82 -36.17 -9.69
N PHE A 573 -0.58 -35.06 -9.01
CA PHE A 573 -1.50 -33.93 -9.04
C PHE A 573 -1.90 -33.56 -10.47
N LYS A 574 -0.91 -33.32 -11.33
CA LYS A 574 -1.16 -32.94 -12.72
C LYS A 574 -2.02 -33.95 -13.47
N THR A 575 -2.10 -35.16 -12.94
CA THR A 575 -2.89 -36.23 -13.55
C THR A 575 -4.32 -36.22 -13.02
N LEU A 576 -4.46 -36.43 -11.72
CA LEU A 576 -5.79 -36.48 -11.13
C LEU A 576 -6.58 -35.19 -11.40
N ALA A 577 -5.91 -34.05 -11.40
CA ALA A 577 -6.55 -32.76 -11.62
C ALA A 577 -6.24 -32.16 -12.99
N GLU A 578 -6.35 -32.99 -14.03
CA GLU A 578 -6.07 -32.54 -15.39
C GLU A 578 -7.23 -31.70 -15.92
N SER A 579 -8.38 -31.84 -15.26
CA SER A 579 -9.58 -31.12 -15.65
C SER A 579 -9.90 -30.03 -14.61
N ASP A 580 -10.77 -29.10 -14.97
CA ASP A 580 -11.16 -28.03 -14.07
C ASP A 580 -11.91 -28.61 -12.87
N GLU A 581 -12.67 -29.68 -13.09
CA GLU A 581 -13.43 -30.34 -12.03
C GLU A 581 -12.41 -30.91 -11.06
N GLY A 582 -11.31 -31.42 -11.62
CA GLY A 582 -10.26 -32.00 -10.80
C GLY A 582 -9.61 -30.89 -10.00
N LYS A 583 -9.25 -29.82 -10.69
CA LYS A 583 -8.64 -28.66 -10.07
C LYS A 583 -9.55 -28.18 -8.95
N LEU A 584 -10.82 -27.99 -9.29
CA LEU A 584 -11.80 -27.54 -8.31
C LEU A 584 -11.94 -28.52 -7.14
N HIS A 585 -11.94 -29.82 -7.42
CA HIS A 585 -12.07 -30.82 -6.37
C HIS A 585 -10.87 -30.84 -5.42
N VAL A 586 -9.67 -30.59 -5.97
CA VAL A 586 -8.47 -30.55 -5.13
C VAL A 586 -8.69 -29.48 -4.08
N LEU A 587 -8.95 -28.26 -4.55
CA LEU A 587 -9.20 -27.13 -3.67
C LEU A 587 -10.29 -27.49 -2.64
N ARG A 588 -11.33 -28.19 -3.08
CA ARG A 588 -12.41 -28.57 -2.16
C ARG A 588 -11.97 -29.52 -1.03
N VAL A 589 -11.13 -30.49 -1.36
CA VAL A 589 -10.66 -31.46 -0.36
C VAL A 589 -9.59 -30.83 0.52
N MET A 590 -8.74 -30.01 -0.07
CA MET A 590 -7.69 -29.33 0.69
C MET A 590 -8.39 -28.45 1.73
N PHE A 591 -9.44 -27.75 1.33
CA PHE A 591 -10.18 -26.91 2.25
C PHE A 591 -10.81 -27.77 3.35
N GLU A 592 -11.31 -28.95 2.97
CA GLU A 592 -11.92 -29.85 3.95
C GLU A 592 -10.89 -30.21 5.02
N VAL A 593 -9.66 -30.46 4.55
CA VAL A 593 -8.55 -30.82 5.43
C VAL A 593 -8.04 -29.68 6.32
N TRP A 594 -7.85 -28.50 5.74
CA TRP A 594 -7.31 -27.38 6.50
C TRP A 594 -8.21 -26.21 6.87
N ARG A 595 -9.53 -26.40 6.85
CA ARG A 595 -10.44 -25.32 7.17
C ARG A 595 -10.19 -24.62 8.52
N ASN A 596 -9.37 -25.21 9.38
CA ASN A 596 -9.09 -24.58 10.68
C ASN A 596 -7.79 -23.79 10.69
N HIS A 597 -7.10 -23.78 9.56
CA HIS A 597 -5.81 -23.11 9.47
C HIS A 597 -5.73 -22.28 8.18
N PRO A 598 -6.41 -21.12 8.15
CA PRO A 598 -6.46 -20.18 7.01
C PRO A 598 -5.11 -19.86 6.39
N GLN A 599 -4.10 -19.71 7.21
CA GLN A 599 -2.77 -19.39 6.72
C GLN A 599 -2.19 -20.55 5.90
N MET A 600 -2.56 -21.77 6.27
CA MET A 600 -2.09 -22.96 5.57
C MET A 600 -2.78 -23.00 4.22
N ILE A 601 -4.10 -22.85 4.24
CA ILE A 601 -4.89 -22.85 3.01
C ILE A 601 -4.31 -21.87 1.99
N ALA A 602 -4.04 -20.65 2.44
CA ALA A 602 -3.51 -19.61 1.56
C ALA A 602 -2.19 -19.95 0.92
N VAL A 603 -1.21 -20.35 1.74
CA VAL A 603 0.11 -20.68 1.20
C VAL A 603 0.03 -21.88 0.28
N LEU A 604 -0.92 -22.77 0.51
CA LEU A 604 -1.04 -23.95 -0.35
C LEU A 604 -1.62 -23.55 -1.71
N VAL A 605 -2.72 -22.81 -1.70
CA VAL A 605 -3.33 -22.35 -2.96
C VAL A 605 -2.28 -21.61 -3.78
N ASP A 606 -1.57 -20.68 -3.15
CA ASP A 606 -0.54 -19.92 -3.83
C ASP A 606 0.46 -20.88 -4.47
N LYS A 607 1.00 -21.80 -3.66
CA LYS A 607 1.98 -22.77 -4.17
C LYS A 607 1.42 -23.62 -5.30
N MET A 608 0.15 -23.99 -5.20
CA MET A 608 -0.52 -24.78 -6.23
C MET A 608 -0.63 -24.01 -7.53
N ILE A 609 -0.97 -22.71 -7.44
CA ILE A 609 -1.08 -21.92 -8.66
C ILE A 609 0.26 -21.75 -9.34
N ARG A 610 1.28 -21.42 -8.55
CA ARG A 610 2.61 -21.21 -9.10
C ARG A 610 3.20 -22.46 -9.74
N THR A 611 2.81 -23.64 -9.25
CA THR A 611 3.28 -24.92 -9.81
C THR A 611 2.22 -25.52 -10.74
N GLN A 612 1.22 -24.70 -11.10
CA GLN A 612 0.17 -25.09 -12.02
C GLN A 612 -0.61 -26.35 -11.71
N ILE A 613 -0.83 -26.63 -10.43
CA ILE A 613 -1.61 -27.80 -10.05
C ILE A 613 -3.08 -27.37 -10.21
N VAL A 614 -3.33 -26.06 -10.09
CA VAL A 614 -4.66 -25.49 -10.28
C VAL A 614 -4.44 -24.14 -10.94
N ASP A 615 -5.48 -23.57 -11.52
CA ASP A 615 -5.34 -22.27 -12.16
C ASP A 615 -6.25 -21.26 -11.48
N CYS A 616 -6.05 -19.98 -11.79
CA CYS A 616 -6.85 -18.94 -11.17
C CYS A 616 -8.35 -19.10 -11.37
N ALA A 617 -8.77 -19.49 -12.57
CA ALA A 617 -10.20 -19.67 -12.81
C ALA A 617 -10.76 -20.64 -11.77
N ALA A 618 -10.09 -21.76 -11.57
CA ALA A 618 -10.57 -22.73 -10.58
C ALA A 618 -10.62 -22.10 -9.19
N VAL A 619 -9.57 -21.34 -8.83
CA VAL A 619 -9.54 -20.67 -7.51
C VAL A 619 -10.73 -19.73 -7.36
N ALA A 620 -11.06 -19.04 -8.45
CA ALA A 620 -12.17 -18.10 -8.45
C ALA A 620 -13.48 -18.85 -8.22
N ASN A 621 -13.67 -19.96 -8.93
CA ASN A 621 -14.90 -20.73 -8.75
C ASN A 621 -14.95 -21.34 -7.36
N TRP A 622 -13.78 -21.67 -6.83
CA TRP A 622 -13.72 -22.23 -5.50
C TRP A 622 -14.22 -21.19 -4.48
N ILE A 623 -13.71 -19.95 -4.58
CA ILE A 623 -14.11 -18.86 -3.66
C ILE A 623 -15.63 -18.69 -3.55
N PHE A 624 -16.33 -18.77 -4.68
CA PHE A 624 -17.79 -18.61 -4.67
C PHE A 624 -18.54 -19.93 -4.55
N SER A 625 -17.81 -21.02 -4.33
CA SER A 625 -18.44 -22.33 -4.21
C SER A 625 -19.25 -22.41 -2.93
N SER A 626 -20.23 -23.31 -2.92
CA SER A 626 -21.10 -23.48 -1.77
C SER A 626 -20.32 -24.00 -0.55
N GLU A 627 -19.24 -24.73 -0.80
CA GLU A 627 -18.46 -25.26 0.31
C GLU A 627 -17.81 -24.14 1.15
N LEU A 628 -17.70 -22.94 0.58
CA LEU A 628 -17.11 -21.80 1.28
C LEU A 628 -18.16 -20.79 1.75
N SER A 629 -19.41 -21.03 1.39
CA SER A 629 -20.51 -20.13 1.76
C SER A 629 -20.49 -19.66 3.21
N ARG A 630 -20.13 -20.56 4.13
CA ARG A 630 -20.10 -20.23 5.55
C ARG A 630 -18.89 -19.40 5.99
N ASP A 631 -17.84 -19.42 5.18
CA ASP A 631 -16.63 -18.66 5.47
C ASP A 631 -16.46 -17.50 4.47
N PHE A 632 -17.44 -17.33 3.59
CA PHE A 632 -17.42 -16.30 2.56
C PHE A 632 -17.03 -14.89 2.97
N THR A 633 -17.40 -14.48 4.18
CA THR A 633 -17.09 -13.12 4.62
C THR A 633 -15.83 -12.98 5.49
N ARG A 634 -15.06 -14.04 5.63
CA ARG A 634 -13.84 -13.98 6.43
C ARG A 634 -12.72 -13.40 5.59
N LEU A 635 -11.74 -12.75 6.23
CA LEU A 635 -10.65 -12.13 5.47
C LEU A 635 -9.82 -13.04 4.59
N PHE A 636 -9.42 -14.20 5.10
CA PHE A 636 -8.57 -15.08 4.30
C PHE A 636 -9.14 -15.44 2.93
N VAL A 637 -10.45 -15.51 2.80
CA VAL A 637 -11.04 -15.85 1.52
C VAL A 637 -10.65 -14.84 0.45
N TRP A 638 -10.75 -13.54 0.77
CA TRP A 638 -10.40 -12.47 -0.16
C TRP A 638 -8.89 -12.27 -0.27
N GLU A 639 -8.19 -12.47 0.83
CA GLU A 639 -6.75 -12.34 0.81
C GLU A 639 -6.22 -13.35 -0.23
N ILE A 640 -6.90 -14.47 -0.36
CA ILE A 640 -6.47 -15.47 -1.33
C ILE A 640 -6.86 -15.05 -2.74
N LEU A 641 -8.10 -14.61 -2.91
CA LEU A 641 -8.57 -14.20 -4.24
C LEU A 641 -7.73 -13.09 -4.85
N HIS A 642 -7.30 -12.13 -4.03
CA HIS A 642 -6.50 -11.02 -4.55
C HIS A 642 -5.09 -11.41 -4.80
N SER A 643 -4.61 -12.40 -4.04
CA SER A 643 -3.27 -12.90 -4.23
C SER A 643 -3.24 -13.73 -5.54
N THR A 644 -4.38 -14.30 -5.90
CA THR A 644 -4.45 -15.07 -7.13
C THR A 644 -4.51 -14.10 -8.30
N ILE A 645 -5.29 -13.04 -8.13
CA ILE A 645 -5.42 -12.05 -9.19
C ILE A 645 -4.08 -11.37 -9.47
N ARG A 646 -3.32 -11.06 -8.42
CA ARG A 646 -2.02 -10.40 -8.62
C ARG A 646 -1.06 -11.30 -9.37
N LYS A 647 -1.01 -12.58 -9.01
CA LYS A 647 -0.12 -13.52 -9.70
C LYS A 647 -0.44 -13.54 -11.18
N MET A 648 -1.73 -13.43 -11.50
CA MET A 648 -2.17 -13.41 -12.89
C MET A 648 -1.65 -12.15 -13.53
N ASN A 649 -1.90 -11.02 -12.87
CA ASN A 649 -1.46 -9.73 -13.38
C ASN A 649 0.05 -9.71 -13.55
N LYS A 650 0.79 -10.10 -12.51
CA LYS A 650 2.24 -10.10 -12.57
C LYS A 650 2.68 -10.93 -13.76
N HIS A 651 2.08 -12.11 -13.88
CA HIS A 651 2.42 -12.99 -14.97
C HIS A 651 2.27 -12.26 -16.30
N VAL A 652 1.10 -11.68 -16.54
CA VAL A 652 0.86 -10.95 -17.79
C VAL A 652 1.96 -9.92 -17.99
N LEU A 653 2.17 -9.06 -17.00
CA LEU A 653 3.19 -8.03 -17.12
C LEU A 653 4.55 -8.57 -17.49
N LYS A 654 4.97 -9.64 -16.83
CA LYS A 654 6.28 -10.24 -17.09
C LYS A 654 6.46 -10.62 -18.55
N ILE A 655 5.54 -11.43 -19.08
CA ILE A 655 5.64 -11.84 -20.46
C ILE A 655 5.63 -10.62 -21.39
N GLN A 656 4.80 -9.63 -21.08
CA GLN A 656 4.75 -8.44 -21.94
C GLN A 656 6.12 -7.79 -22.03
N LYS A 657 6.79 -7.63 -20.90
CA LYS A 657 8.11 -7.03 -20.89
C LYS A 657 9.07 -7.83 -21.76
N GLU A 658 9.14 -9.15 -21.53
CA GLU A 658 10.02 -10.00 -22.32
C GLU A 658 9.82 -9.71 -23.80
N LEU A 659 8.56 -9.71 -24.25
CA LEU A 659 8.26 -9.41 -25.64
C LEU A 659 8.83 -8.04 -25.94
N GLU A 660 8.57 -7.09 -25.05
CA GLU A 660 9.07 -5.71 -25.20
C GLU A 660 10.58 -5.73 -25.50
N GLU A 661 11.34 -6.40 -24.64
CA GLU A 661 12.79 -6.50 -24.78
C GLU A 661 13.18 -7.26 -26.05
N ALA A 662 12.58 -8.43 -26.25
CA ALA A 662 12.88 -9.26 -27.42
C ALA A 662 12.53 -8.53 -28.71
N LYS A 663 11.53 -7.66 -28.64
CA LYS A 663 11.11 -6.88 -29.81
C LYS A 663 12.12 -5.77 -30.06
N GLU A 664 12.88 -5.41 -29.04
CA GLU A 664 13.89 -4.35 -29.15
C GLU A 664 15.26 -4.88 -29.57
N LYS A 665 15.26 -5.95 -30.36
CA LYS A 665 16.51 -6.52 -30.84
C LYS A 665 16.52 -6.56 -32.37
N VAL A 687 16.59 -17.11 -34.84
CA VAL A 687 16.20 -17.49 -33.49
C VAL A 687 15.42 -16.38 -32.80
N LEU A 688 16.05 -15.22 -32.67
CA LEU A 688 15.46 -14.05 -32.03
C LEU A 688 14.04 -13.75 -32.50
N GLU A 689 13.66 -14.33 -33.61
CA GLU A 689 12.32 -14.14 -34.18
C GLU A 689 11.38 -15.22 -33.70
N GLU A 690 11.81 -16.47 -33.82
CA GLU A 690 11.02 -17.62 -33.39
C GLU A 690 10.50 -17.37 -31.97
N GLN A 691 11.28 -16.60 -31.21
CA GLN A 691 10.93 -16.26 -29.83
C GLN A 691 9.81 -15.23 -29.82
N ILE A 692 10.01 -14.12 -30.53
CA ILE A 692 9.00 -13.06 -30.60
C ILE A 692 7.69 -13.61 -31.16
N GLU A 693 7.78 -14.71 -31.89
CA GLU A 693 6.59 -15.33 -32.44
C GLU A 693 5.91 -16.02 -31.26
N ARG A 694 6.74 -16.67 -30.46
CA ARG A 694 6.29 -17.39 -29.27
C ARG A 694 5.85 -16.44 -28.15
N LEU A 695 6.63 -15.39 -27.91
CA LEU A 695 6.28 -14.43 -26.86
C LEU A 695 4.95 -13.77 -27.19
N GLN A 696 4.65 -13.64 -28.47
CA GLN A 696 3.40 -13.01 -28.87
C GLN A 696 2.26 -13.92 -28.45
N GLU A 697 2.38 -15.19 -28.80
CA GLU A 697 1.37 -16.19 -28.49
C GLU A 697 1.13 -16.23 -26.97
N LYS A 698 2.21 -16.18 -26.20
CA LYS A 698 2.12 -16.25 -24.75
C LYS A 698 1.40 -15.04 -24.17
N VAL A 699 1.66 -13.87 -24.76
CA VAL A 699 0.99 -12.64 -24.32
C VAL A 699 -0.50 -12.83 -24.54
N GLU A 700 -0.86 -13.30 -25.73
CA GLU A 700 -2.25 -13.54 -26.09
C GLU A 700 -2.93 -14.38 -25.02
N SER A 701 -2.42 -15.59 -24.84
CA SER A 701 -2.99 -16.52 -23.85
C SER A 701 -3.03 -15.89 -22.46
N ALA A 702 -1.92 -15.30 -22.04
CA ALA A 702 -1.89 -14.70 -20.72
C ALA A 702 -3.02 -13.66 -20.58
N GLN A 703 -3.10 -12.70 -21.50
CA GLN A 703 -4.15 -11.69 -21.43
C GLN A 703 -5.55 -12.30 -21.51
N SER A 704 -5.68 -13.31 -22.36
CA SER A 704 -6.96 -13.96 -22.48
C SER A 704 -7.40 -14.60 -21.15
N GLU A 705 -6.48 -15.33 -20.52
CA GLU A 705 -6.81 -15.97 -19.25
C GLU A 705 -7.05 -14.90 -18.18
N GLN A 706 -6.42 -13.74 -18.33
CA GLN A 706 -6.59 -12.67 -17.35
C GLN A 706 -7.99 -12.09 -17.44
N LYS A 707 -8.45 -11.86 -18.67
CA LYS A 707 -9.77 -11.31 -18.92
C LYS A 707 -10.81 -12.28 -18.43
N ASN A 708 -10.57 -13.56 -18.66
CA ASN A 708 -11.51 -14.59 -18.22
C ASN A 708 -11.66 -14.63 -16.70
N LEU A 709 -10.58 -14.37 -15.99
CA LEU A 709 -10.61 -14.37 -14.54
C LEU A 709 -11.54 -13.26 -14.04
N PHE A 710 -11.41 -12.08 -14.62
CA PHE A 710 -12.27 -10.99 -14.21
C PHE A 710 -13.70 -11.27 -14.63
N LEU A 711 -13.86 -11.86 -15.81
CA LEU A 711 -15.17 -12.22 -16.32
C LEU A 711 -15.87 -13.18 -15.37
N VAL A 712 -15.20 -14.23 -14.95
CA VAL A 712 -15.86 -15.17 -14.04
C VAL A 712 -16.14 -14.51 -12.71
N ILE A 713 -15.15 -13.84 -12.12
CA ILE A 713 -15.38 -13.18 -10.83
C ILE A 713 -16.61 -12.28 -10.87
N PHE A 714 -16.73 -11.48 -11.92
CA PHE A 714 -17.88 -10.59 -12.01
C PHE A 714 -19.18 -11.35 -12.20
N GLN A 715 -19.17 -12.35 -13.07
CA GLN A 715 -20.40 -13.12 -13.28
C GLN A 715 -20.85 -13.78 -12.00
N ARG A 716 -19.90 -14.22 -11.17
CA ARG A 716 -20.27 -14.87 -9.92
C ARG A 716 -20.86 -13.86 -8.96
N PHE A 717 -20.25 -12.67 -8.89
CA PHE A 717 -20.77 -11.63 -8.01
C PHE A 717 -22.19 -11.26 -8.41
N ILE A 718 -22.40 -11.07 -9.70
CA ILE A 718 -23.71 -10.69 -10.19
C ILE A 718 -24.72 -11.75 -9.78
N MET A 719 -24.36 -13.00 -10.00
CA MET A 719 -25.24 -14.13 -9.67
C MET A 719 -25.66 -14.20 -8.19
N ILE A 720 -24.70 -14.11 -7.27
CA ILE A 720 -25.06 -14.19 -5.85
C ILE A 720 -25.73 -12.93 -5.32
N LEU A 721 -25.40 -11.77 -5.90
CA LEU A 721 -26.02 -10.52 -5.44
C LEU A 721 -27.47 -10.45 -5.91
N THR A 722 -27.71 -10.90 -7.14
CA THR A 722 -29.05 -10.89 -7.69
C THR A 722 -29.90 -11.85 -6.85
N GLU A 723 -29.36 -13.04 -6.60
CA GLU A 723 -30.06 -14.05 -5.80
C GLU A 723 -30.52 -13.46 -4.46
N HIS A 724 -29.65 -12.67 -3.83
CA HIS A 724 -29.97 -12.04 -2.56
C HIS A 724 -31.03 -10.96 -2.75
N LEU A 725 -30.79 -10.09 -3.73
CA LEU A 725 -31.72 -9.00 -4.01
C LEU A 725 -33.12 -9.50 -4.32
N VAL A 726 -33.21 -10.55 -5.12
CA VAL A 726 -34.50 -11.12 -5.49
C VAL A 726 -35.19 -11.71 -4.27
N ARG A 727 -34.53 -12.67 -3.63
CA ARG A 727 -35.06 -13.31 -2.43
C ARG A 727 -35.62 -12.28 -1.46
N CYS A 728 -34.83 -11.24 -1.18
CA CYS A 728 -35.26 -10.19 -0.27
C CYS A 728 -36.49 -9.45 -0.79
N GLU A 729 -36.42 -9.02 -2.05
CA GLU A 729 -37.52 -8.28 -2.66
C GLU A 729 -38.77 -9.16 -2.80
N THR A 730 -38.68 -10.41 -2.35
CA THR A 730 -39.80 -11.34 -2.41
C THR A 730 -40.31 -11.63 -1.01
N ASP A 731 -39.39 -11.83 -0.07
CA ASP A 731 -39.76 -12.10 1.32
C ASP A 731 -39.87 -10.79 2.09
N GLY A 732 -39.91 -9.68 1.37
CA GLY A 732 -39.99 -8.39 2.03
C GLY A 732 -39.02 -8.26 3.20
N THR A 733 -37.80 -8.75 3.00
CA THR A 733 -36.79 -8.70 4.06
C THR A 733 -35.77 -7.62 3.76
N SER A 734 -35.07 -7.18 4.79
CA SER A 734 -34.04 -6.15 4.66
C SER A 734 -32.93 -6.59 3.71
N VAL A 735 -32.57 -5.71 2.78
CA VAL A 735 -31.53 -6.01 1.81
C VAL A 735 -30.17 -5.78 2.44
N LEU A 736 -30.12 -4.82 3.34
CA LEU A 736 -28.90 -4.45 4.03
C LEU A 736 -28.54 -5.37 5.19
N THR A 737 -28.03 -6.56 4.87
CA THR A 737 -27.62 -7.51 5.91
C THR A 737 -26.09 -7.48 6.00
N PRO A 738 -25.53 -8.03 7.07
CA PRO A 738 -24.06 -8.01 7.17
C PRO A 738 -23.46 -8.73 5.97
N TRP A 739 -24.08 -9.84 5.58
CA TRP A 739 -23.61 -10.59 4.43
C TRP A 739 -23.60 -9.66 3.21
N TYR A 740 -24.70 -8.96 3.00
CA TYR A 740 -24.79 -8.06 1.86
C TYR A 740 -23.68 -7.02 1.90
N LYS A 741 -23.47 -6.39 3.05
CA LYS A 741 -22.46 -5.37 3.16
C LYS A 741 -21.11 -5.89 2.67
N ASN A 742 -20.68 -7.03 3.21
CA ASN A 742 -19.41 -7.60 2.79
C ASN A 742 -19.46 -7.93 1.31
N CYS A 743 -20.49 -8.64 0.86
CA CYS A 743 -20.54 -9.00 -0.55
C CYS A 743 -20.54 -7.82 -1.54
N ILE A 744 -21.32 -6.78 -1.29
CA ILE A 744 -21.36 -5.66 -2.22
C ILE A 744 -20.04 -4.89 -2.20
N GLU A 745 -19.46 -4.78 -1.01
CA GLU A 745 -18.21 -4.06 -0.84
C GLU A 745 -17.01 -4.86 -1.33
N ARG A 746 -17.18 -6.17 -1.45
CA ARG A 746 -16.11 -7.00 -1.94
C ARG A 746 -16.08 -6.83 -3.46
N LEU A 747 -17.25 -6.68 -4.07
CA LEU A 747 -17.32 -6.46 -5.52
C LEU A 747 -16.65 -5.11 -5.83
N GLN A 748 -17.01 -4.10 -5.05
CA GLN A 748 -16.45 -2.76 -5.19
C GLN A 748 -14.93 -2.83 -5.12
N GLN A 749 -14.41 -3.65 -4.22
CA GLN A 749 -12.97 -3.79 -4.04
C GLN A 749 -12.28 -4.35 -5.27
N ILE A 750 -12.92 -5.27 -5.98
CA ILE A 750 -12.34 -5.82 -7.20
C ILE A 750 -12.01 -4.65 -8.13
N PHE A 751 -12.96 -3.74 -8.27
CA PHE A 751 -12.80 -2.56 -9.12
C PHE A 751 -11.68 -1.67 -8.58
N LEU A 752 -11.72 -1.39 -7.28
CA LEU A 752 -10.70 -0.54 -6.68
C LEU A 752 -9.28 -1.04 -6.87
N GLN A 753 -9.03 -2.29 -6.52
CA GLN A 753 -7.70 -2.86 -6.65
C GLN A 753 -7.17 -3.03 -8.06
N HIS A 754 -8.04 -3.29 -9.03
CA HIS A 754 -7.57 -3.53 -10.38
C HIS A 754 -8.24 -2.68 -11.47
N HIS A 755 -8.69 -1.48 -11.11
CA HIS A 755 -9.35 -0.62 -12.09
C HIS A 755 -8.55 -0.44 -13.38
N GLN A 756 -7.23 -0.39 -13.26
CA GLN A 756 -6.33 -0.23 -14.41
C GLN A 756 -6.51 -1.33 -15.46
N ILE A 757 -6.46 -2.58 -15.00
CA ILE A 757 -6.63 -3.75 -15.88
C ILE A 757 -8.07 -3.85 -16.37
N ILE A 758 -9.01 -3.73 -15.45
CA ILE A 758 -10.42 -3.83 -15.79
C ILE A 758 -10.83 -2.86 -16.92
N GLN A 759 -10.24 -1.65 -16.92
CA GLN A 759 -10.51 -0.65 -17.96
C GLN A 759 -10.48 -1.26 -19.36
N GLN A 760 -9.57 -2.20 -19.57
CA GLN A 760 -9.42 -2.84 -20.88
C GLN A 760 -10.63 -3.63 -21.33
N TYR A 761 -11.58 -3.83 -20.43
CA TYR A 761 -12.77 -4.63 -20.73
C TYR A 761 -14.05 -3.82 -20.84
N MET A 762 -13.94 -2.50 -20.88
CA MET A 762 -15.12 -1.65 -20.95
C MET A 762 -16.19 -2.09 -21.93
N VAL A 763 -15.82 -2.42 -23.17
CA VAL A 763 -16.84 -2.85 -24.14
C VAL A 763 -17.65 -3.99 -23.56
N THR A 764 -16.97 -5.04 -23.13
CA THR A 764 -17.64 -6.21 -22.54
C THR A 764 -18.40 -5.89 -21.25
N LEU A 765 -17.76 -5.13 -20.36
CA LEU A 765 -18.40 -4.76 -19.09
C LEU A 765 -19.63 -3.87 -19.23
N GLU A 766 -19.54 -2.86 -20.09
CA GLU A 766 -20.60 -1.88 -20.31
C GLU A 766 -21.79 -2.37 -21.14
N ASN A 767 -21.54 -3.30 -22.04
CA ASN A 767 -22.60 -3.78 -22.91
C ASN A 767 -23.02 -5.20 -22.66
N LEU A 768 -22.14 -6.03 -22.11
CA LEU A 768 -22.50 -7.43 -21.89
C LEU A 768 -22.79 -7.91 -20.48
N LEU A 769 -22.10 -7.38 -19.48
CA LEU A 769 -22.33 -7.84 -18.11
C LEU A 769 -23.18 -6.92 -17.26
N PHE A 770 -22.64 -5.74 -16.96
CA PHE A 770 -23.35 -4.79 -16.13
C PHE A 770 -24.30 -3.94 -16.97
N THR A 771 -25.40 -4.57 -17.39
CA THR A 771 -26.40 -3.90 -18.20
C THR A 771 -27.59 -3.42 -17.36
N ALA A 772 -28.50 -2.68 -18.00
CA ALA A 772 -29.69 -2.14 -17.33
C ALA A 772 -30.64 -3.15 -16.73
N GLU A 773 -30.75 -4.34 -17.32
CA GLU A 773 -31.65 -5.34 -16.77
C GLU A 773 -31.14 -5.79 -15.39
N LEU A 774 -29.93 -5.36 -15.05
CA LEU A 774 -29.34 -5.70 -13.75
C LEU A 774 -29.93 -4.81 -12.66
N ASP A 775 -29.98 -5.33 -11.43
CA ASP A 775 -30.52 -4.56 -10.32
C ASP A 775 -29.66 -3.31 -10.17
N PRO A 776 -30.29 -2.16 -9.88
CA PRO A 776 -29.55 -0.90 -9.72
C PRO A 776 -28.48 -0.96 -8.63
N HIS A 777 -28.69 -1.79 -7.62
CA HIS A 777 -27.73 -1.95 -6.53
C HIS A 777 -26.40 -2.50 -7.04
N ILE A 778 -26.47 -3.33 -8.07
CA ILE A 778 -25.27 -3.93 -8.65
C ILE A 778 -24.67 -2.98 -9.66
N LEU A 779 -25.52 -2.37 -10.50
CA LEU A 779 -25.08 -1.42 -11.52
C LEU A 779 -24.34 -0.27 -10.87
N ALA A 780 -24.89 0.20 -9.77
CA ALA A 780 -24.30 1.28 -9.01
C ALA A 780 -22.80 1.08 -8.87
N VAL A 781 -22.40 -0.13 -8.47
CA VAL A 781 -20.98 -0.39 -8.30
C VAL A 781 -20.21 -0.15 -9.59
N PHE A 782 -20.77 -0.61 -10.71
CA PHE A 782 -20.13 -0.41 -12.00
C PHE A 782 -20.00 1.08 -12.36
N GLN A 783 -21.12 1.80 -12.27
CA GLN A 783 -21.13 3.22 -12.59
C GLN A 783 -20.17 4.02 -11.72
N GLN A 784 -20.01 3.63 -10.46
CA GLN A 784 -19.09 4.33 -9.56
C GLN A 784 -17.69 4.17 -10.13
N PHE A 785 -17.39 2.95 -10.56
CA PHE A 785 -16.10 2.63 -11.15
C PHE A 785 -15.82 3.47 -12.39
N CYS A 786 -16.82 3.58 -13.28
CA CYS A 786 -16.63 4.35 -14.50
C CYS A 786 -16.36 5.81 -14.17
N ALA A 787 -16.95 6.30 -13.07
CA ALA A 787 -16.76 7.71 -12.68
C ALA A 787 -15.34 8.02 -12.23
N LEU A 788 -14.53 6.99 -12.01
CA LEU A 788 -13.15 7.20 -11.57
C LEU A 788 -12.30 7.84 -12.68
N GLN A 789 -12.64 7.54 -13.93
CA GLN A 789 -11.91 8.11 -15.07
C GLN A 789 -12.93 8.70 -16.04
N ALA A 790 -13.90 9.42 -15.50
CA ALA A 790 -14.94 10.04 -16.32
C ALA A 790 -14.80 11.56 -16.29
N LEU B 6 15.55 12.86 -8.44
CA LEU B 6 16.79 13.49 -8.97
C LEU B 6 17.81 13.73 -7.85
N LYS B 7 17.52 14.67 -6.95
CA LYS B 7 18.44 14.98 -5.84
C LYS B 7 18.50 13.95 -4.70
N ALA B 8 19.24 14.28 -3.65
CA ALA B 8 19.43 13.41 -2.48
C ALA B 8 18.19 12.79 -1.86
N LEU B 9 17.01 13.07 -2.41
CA LEU B 9 15.79 12.46 -1.88
C LEU B 9 15.90 10.96 -2.13
N ARG B 10 16.83 10.60 -3.02
CA ARG B 10 17.08 9.21 -3.39
C ARG B 10 17.57 8.39 -2.19
N SER B 11 17.93 9.06 -1.12
CA SER B 11 18.44 8.40 0.07
C SER B 11 17.64 7.14 0.39
N ASP B 12 18.34 6.01 0.53
CA ASP B 12 17.73 4.72 0.84
C ASP B 12 18.68 4.01 1.79
N SER B 13 18.94 4.59 2.95
CA SER B 13 19.89 3.97 3.85
C SER B 13 19.57 2.54 4.28
N TYR B 14 18.30 2.19 4.40
CA TYR B 14 17.94 0.83 4.83
C TYR B 14 18.26 -0.27 3.83
N VAL B 15 18.46 0.13 2.57
CA VAL B 15 18.75 -0.80 1.50
C VAL B 15 20.25 -0.93 1.22
N GLU B 16 21.03 -0.03 1.79
CA GLU B 16 22.47 -0.08 1.58
C GLU B 16 23.08 -1.36 2.11
N LEU B 17 24.19 -1.77 1.50
CA LEU B 17 24.90 -2.98 1.88
C LEU B 17 25.40 -2.85 3.30
N SER B 18 25.45 -3.96 4.03
CA SER B 18 25.94 -3.91 5.40
C SER B 18 27.44 -4.16 5.33
N GLN B 19 28.05 -4.38 6.49
CA GLN B 19 29.48 -4.63 6.55
C GLN B 19 29.78 -6.12 6.50
N TYR B 20 28.75 -6.94 6.66
CA TYR B 20 28.96 -8.38 6.64
C TYR B 20 29.36 -8.92 5.28
N ARG B 21 30.17 -9.96 5.30
CA ARG B 21 30.62 -10.64 4.10
C ARG B 21 30.83 -12.12 4.45
N ASP B 22 30.25 -12.99 3.62
CA ASP B 22 30.36 -14.43 3.83
C ASP B 22 31.79 -14.83 3.52
N GLN B 23 32.53 -15.26 4.55
CA GLN B 23 33.94 -15.65 4.37
C GLN B 23 34.13 -16.94 3.59
N HIS B 24 33.05 -17.70 3.37
CA HIS B 24 33.16 -18.96 2.65
C HIS B 24 32.65 -18.83 1.21
N PHE B 25 32.25 -17.62 0.84
CA PHE B 25 31.77 -17.35 -0.51
C PHE B 25 33.01 -17.59 -1.38
N ARG B 26 32.82 -17.87 -2.66
CA ARG B 26 33.95 -18.16 -3.55
C ARG B 26 34.63 -16.95 -4.16
N GLY B 27 33.87 -16.20 -4.94
CA GLY B 27 34.45 -15.04 -5.59
C GLY B 27 35.13 -13.92 -4.81
N ASP B 28 35.43 -12.83 -5.51
CA ASP B 28 36.04 -11.63 -4.94
C ASP B 28 35.01 -11.07 -3.97
N ASN B 29 35.32 -9.90 -3.43
CA ASN B 29 34.40 -9.23 -2.55
C ASN B 29 33.51 -8.50 -3.57
N GLU B 30 34.07 -8.36 -4.77
CA GLU B 30 33.44 -7.72 -5.90
C GLU B 30 32.31 -8.59 -6.44
N GLU B 31 32.55 -9.90 -6.47
CA GLU B 31 31.57 -10.85 -6.96
C GLU B 31 30.48 -11.06 -5.91
N GLN B 32 30.82 -10.91 -4.63
CA GLN B 32 29.84 -11.07 -3.58
C GLN B 32 28.96 -9.84 -3.57
N GLU B 33 29.59 -8.68 -3.75
CA GLU B 33 28.86 -7.43 -3.78
C GLU B 33 27.92 -7.29 -4.98
N LYS B 34 28.32 -7.84 -6.13
CA LYS B 34 27.46 -7.77 -7.31
C LYS B 34 26.21 -8.61 -7.06
N LEU B 35 26.37 -9.73 -6.38
CA LEU B 35 25.22 -10.58 -6.06
C LEU B 35 24.29 -9.90 -5.04
N LEU B 36 24.89 -9.33 -4.00
CA LEU B 36 24.14 -8.64 -2.96
C LEU B 36 23.27 -7.48 -3.48
N LYS B 37 23.79 -6.71 -4.44
CA LYS B 37 23.03 -5.57 -4.96
C LYS B 37 21.98 -5.97 -5.98
N LYS B 38 21.85 -7.26 -6.23
CA LYS B 38 20.89 -7.73 -7.21
C LYS B 38 20.07 -8.87 -6.60
N SER B 39 20.33 -9.15 -5.32
CA SER B 39 19.65 -10.22 -4.62
C SER B 39 18.19 -9.98 -4.32
N CYS B 40 17.49 -11.08 -4.06
CA CYS B 40 16.07 -11.08 -3.72
C CYS B 40 15.95 -11.89 -2.44
N THR B 41 17.08 -12.35 -1.93
CA THR B 41 17.07 -13.16 -0.73
C THR B 41 17.68 -12.42 0.46
N LEU B 42 17.06 -12.57 1.63
CA LEU B 42 17.55 -11.90 2.82
C LEU B 42 18.01 -12.81 3.93
N TYR B 43 18.99 -12.32 4.68
CA TYR B 43 19.45 -13.06 5.84
C TYR B 43 18.65 -12.49 7.00
N VAL B 44 18.07 -13.33 7.85
CA VAL B 44 17.34 -12.80 8.99
C VAL B 44 17.99 -13.28 10.28
N GLY B 45 18.45 -12.32 11.09
CA GLY B 45 19.11 -12.67 12.33
C GLY B 45 18.35 -12.43 13.64
N ASN B 46 18.85 -13.08 14.69
CA ASN B 46 18.30 -12.97 16.03
C ASN B 46 16.96 -13.63 16.31
N LEU B 47 16.53 -14.57 15.47
CA LEU B 47 15.26 -15.25 15.74
C LEU B 47 15.45 -16.04 17.02
N SER B 48 14.37 -16.58 17.58
CA SER B 48 14.48 -17.43 18.76
C SER B 48 14.62 -18.83 18.16
N PHE B 49 15.10 -19.79 18.94
CA PHE B 49 15.24 -21.15 18.43
C PHE B 49 13.87 -21.76 18.14
N TYR B 50 12.83 -21.15 18.71
CA TYR B 50 11.48 -21.65 18.52
C TYR B 50 10.58 -20.82 17.61
N THR B 51 11.19 -19.91 16.85
CA THR B 51 10.44 -19.08 15.91
C THR B 51 10.22 -20.00 14.71
N THR B 52 8.96 -20.13 14.27
CA THR B 52 8.64 -21.02 13.18
C THR B 52 8.59 -20.39 11.80
N GLU B 53 8.55 -21.25 10.79
CA GLU B 53 8.49 -20.85 9.39
C GLU B 53 7.14 -20.21 9.14
N GLU B 54 6.14 -20.61 9.93
CA GLU B 54 4.80 -20.06 9.80
C GLU B 54 4.78 -18.60 10.20
N GLN B 55 5.50 -18.26 11.28
CA GLN B 55 5.52 -16.88 11.75
C GLN B 55 6.29 -16.03 10.77
N ILE B 56 7.43 -16.54 10.33
CA ILE B 56 8.27 -15.84 9.37
C ILE B 56 7.47 -15.52 8.10
N TYR B 57 6.70 -16.50 7.61
CA TYR B 57 5.88 -16.31 6.42
C TYR B 57 4.88 -15.17 6.58
N GLU B 58 4.24 -15.12 7.74
CA GLU B 58 3.22 -14.11 8.01
C GLU B 58 3.75 -12.69 8.12
N LEU B 59 4.92 -12.52 8.70
CA LEU B 59 5.49 -11.18 8.83
C LEU B 59 6.15 -10.74 7.55
N PHE B 60 7.01 -11.58 6.99
CA PHE B 60 7.69 -11.20 5.76
C PHE B 60 6.83 -11.13 4.51
N SER B 61 5.62 -11.68 4.55
CA SER B 61 4.74 -11.62 3.39
C SER B 61 4.12 -10.21 3.31
N LYS B 62 4.26 -9.44 4.38
CA LYS B 62 3.69 -8.10 4.40
C LYS B 62 4.38 -7.15 3.44
N SER B 63 5.55 -7.54 2.95
CA SER B 63 6.31 -6.70 2.02
C SER B 63 6.35 -7.25 0.61
N GLY B 64 5.65 -8.36 0.38
CA GLY B 64 5.62 -8.99 -0.94
C GLY B 64 5.56 -10.50 -0.85
N ASP B 65 5.33 -11.17 -1.97
CA ASP B 65 5.24 -12.62 -1.98
C ASP B 65 6.57 -13.34 -1.80
N ILE B 66 6.58 -14.28 -0.87
CA ILE B 66 7.76 -15.06 -0.56
C ILE B 66 7.82 -16.30 -1.44
N LYS B 67 9.02 -16.62 -1.92
CA LYS B 67 9.20 -17.79 -2.77
C LYS B 67 9.62 -19.00 -1.93
N LYS B 68 10.54 -18.77 -1.01
CA LYS B 68 11.03 -19.83 -0.16
C LYS B 68 11.64 -19.32 1.14
N ILE B 69 11.53 -20.13 2.19
CA ILE B 69 12.11 -19.79 3.47
C ILE B 69 12.95 -20.99 3.93
N ILE B 70 14.21 -20.71 4.25
CA ILE B 70 15.13 -21.75 4.70
C ILE B 70 15.57 -21.45 6.12
N MET B 71 15.21 -22.34 7.05
CA MET B 71 15.55 -22.19 8.46
C MET B 71 16.99 -22.59 8.77
N GLY B 72 17.69 -21.74 9.52
CA GLY B 72 19.07 -22.05 9.87
C GLY B 72 19.10 -23.15 10.92
N LEU B 73 19.99 -24.13 10.75
CA LEU B 73 20.06 -25.25 11.68
C LEU B 73 21.43 -25.50 12.33
N ASP B 74 21.39 -26.23 13.44
CA ASP B 74 22.60 -26.62 14.17
C ASP B 74 23.20 -27.69 13.25
N LYS B 75 24.40 -27.44 12.74
CA LYS B 75 25.06 -28.37 11.83
C LYS B 75 25.03 -29.81 12.33
N MET B 76 25.23 -30.00 13.62
CA MET B 76 25.25 -31.33 14.18
C MET B 76 23.95 -31.83 14.82
N LYS B 77 23.18 -30.92 15.43
CA LYS B 77 21.91 -31.32 16.05
C LYS B 77 20.76 -31.21 15.06
N LYS B 78 20.97 -30.44 13.99
CA LYS B 78 19.95 -30.26 12.95
C LYS B 78 18.65 -29.65 13.48
N THR B 79 18.78 -28.75 14.47
CA THR B 79 17.63 -28.07 15.04
C THR B 79 17.79 -26.56 14.83
N ALA B 80 16.66 -25.86 14.85
CA ALA B 80 16.56 -24.42 14.67
C ALA B 80 17.67 -23.71 15.39
N CYS B 81 18.38 -22.89 14.61
CA CYS B 81 19.54 -22.15 15.06
C CYS B 81 19.38 -20.70 15.52
N GLY B 82 18.34 -20.02 15.05
CA GLY B 82 18.16 -18.63 15.42
C GLY B 82 18.39 -17.68 14.25
N PHE B 83 18.26 -18.17 13.03
CA PHE B 83 18.43 -17.33 11.86
C PHE B 83 17.74 -18.02 10.71
N CYS B 84 17.64 -17.35 9.57
CA CYS B 84 17.00 -17.97 8.40
C CYS B 84 17.22 -17.15 7.14
N PHE B 85 16.80 -17.69 6.00
CA PHE B 85 16.92 -16.97 4.75
C PHE B 85 15.51 -16.87 4.17
N VAL B 86 15.14 -15.66 3.74
CA VAL B 86 13.82 -15.45 3.16
C VAL B 86 14.11 -15.03 1.74
N GLU B 87 13.47 -15.68 0.77
CA GLU B 87 13.68 -15.33 -0.63
C GLU B 87 12.39 -14.89 -1.29
N TYR B 88 12.45 -13.69 -1.87
CA TYR B 88 11.32 -13.07 -2.55
C TYR B 88 11.39 -13.35 -4.06
N TYR B 89 10.31 -13.06 -4.76
CA TYR B 89 10.30 -13.28 -6.21
C TYR B 89 10.87 -12.05 -6.89
N SER B 90 10.75 -10.90 -6.24
CA SER B 90 11.28 -9.66 -6.81
C SER B 90 12.07 -8.84 -5.80
N ARG B 91 13.14 -8.20 -6.27
CA ARG B 91 13.96 -7.40 -5.38
C ARG B 91 13.18 -6.23 -4.77
N ALA B 92 12.22 -5.67 -5.49
CA ALA B 92 11.47 -4.54 -4.94
C ALA B 92 10.81 -4.93 -3.61
N ASP B 93 10.35 -6.18 -3.52
CA ASP B 93 9.70 -6.68 -2.33
C ASP B 93 10.69 -6.95 -1.21
N ALA B 94 11.91 -7.31 -1.56
CA ALA B 94 12.96 -7.58 -0.59
C ALA B 94 13.45 -6.26 -0.02
N GLU B 95 13.49 -5.23 -0.86
CA GLU B 95 13.92 -3.91 -0.43
C GLU B 95 12.94 -3.40 0.61
N ASN B 96 11.65 -3.60 0.37
CA ASN B 96 10.65 -3.13 1.31
C ASN B 96 10.74 -3.87 2.65
N ALA B 97 11.14 -5.15 2.62
CA ALA B 97 11.28 -5.89 3.88
C ALA B 97 12.46 -5.27 4.62
N MET B 98 13.50 -4.96 3.86
CA MET B 98 14.72 -4.36 4.36
C MET B 98 14.38 -2.99 4.96
N ARG B 99 13.51 -2.24 4.28
CA ARG B 99 13.08 -0.91 4.71
C ARG B 99 12.14 -0.83 5.90
N TYR B 100 11.12 -1.70 5.93
CA TYR B 100 10.11 -1.65 6.98
C TYR B 100 9.95 -2.86 7.91
N ILE B 101 10.67 -3.94 7.66
CA ILE B 101 10.53 -5.09 8.54
C ILE B 101 11.78 -5.23 9.38
N ASN B 102 12.92 -4.94 8.77
CA ASN B 102 14.20 -4.98 9.47
C ASN B 102 14.12 -4.10 10.72
N GLY B 103 14.60 -4.63 11.84
CA GLY B 103 14.57 -3.83 13.06
C GLY B 103 13.29 -3.85 13.86
N THR B 104 12.31 -4.62 13.43
CA THR B 104 11.04 -4.72 14.14
C THR B 104 10.90 -6.11 14.81
N ARG B 105 9.76 -6.37 15.43
CA ARG B 105 9.50 -7.63 16.13
C ARG B 105 8.92 -8.78 15.33
N LEU B 106 9.53 -9.95 15.51
CA LEU B 106 9.14 -11.20 14.88
C LEU B 106 9.13 -12.16 16.04
N ASP B 107 7.96 -12.64 16.41
CA ASP B 107 7.87 -13.57 17.51
C ASP B 107 8.44 -12.97 18.78
N ASP B 108 8.02 -11.75 19.07
CA ASP B 108 8.40 -11.02 20.27
C ASP B 108 9.84 -10.56 20.39
N ARG B 109 10.66 -10.75 19.34
CA ARG B 109 12.03 -10.28 19.42
C ARG B 109 12.47 -9.47 18.22
N ILE B 110 13.31 -8.48 18.49
CA ILE B 110 13.82 -7.58 17.47
C ILE B 110 14.77 -8.29 16.54
N ILE B 111 14.42 -8.32 15.25
CA ILE B 111 15.23 -8.99 14.24
C ILE B 111 15.94 -8.03 13.30
N ARG B 112 16.99 -8.52 12.65
CA ARG B 112 17.76 -7.71 11.71
C ARG B 112 17.91 -8.47 10.40
N THR B 113 17.65 -7.80 9.27
CA THR B 113 17.81 -8.43 7.98
C THR B 113 19.07 -7.88 7.31
N ASP B 114 19.62 -8.66 6.39
CA ASP B 114 20.81 -8.26 5.65
C ASP B 114 20.69 -8.89 4.27
N TRP B 115 21.24 -8.22 3.27
CA TRP B 115 21.19 -8.75 1.92
C TRP B 115 22.07 -9.99 1.89
N ASP B 116 21.65 -10.99 1.12
CA ASP B 116 22.45 -12.19 1.03
C ASP B 116 22.74 -12.53 -0.42
N ALA B 117 24.00 -12.91 -0.68
CA ALA B 117 24.47 -13.26 -2.01
C ALA B 117 23.57 -14.31 -2.66
N GLY B 118 23.12 -15.27 -1.87
CA GLY B 118 22.24 -16.29 -2.41
C GLY B 118 22.39 -17.61 -1.68
N PHE B 119 21.29 -18.31 -1.48
CA PHE B 119 21.35 -19.60 -0.80
C PHE B 119 22.11 -20.62 -1.62
N LYS B 120 22.81 -21.50 -0.92
CA LYS B 120 23.57 -22.58 -1.52
C LYS B 120 23.65 -23.65 -0.44
N GLU B 121 23.55 -24.91 -0.84
CA GLU B 121 23.59 -26.00 0.12
C GLU B 121 24.73 -25.80 1.11
N GLY B 122 24.43 -25.88 2.39
CA GLY B 122 25.45 -25.70 3.41
C GLY B 122 25.44 -24.35 4.09
N ARG B 123 24.65 -23.42 3.54
CA ARG B 123 24.53 -22.09 4.11
C ARG B 123 23.56 -22.11 5.26
N GLN B 124 22.76 -23.18 5.37
CA GLN B 124 21.77 -23.27 6.45
C GLN B 124 22.32 -23.73 7.79
N TYR B 125 23.59 -24.10 7.84
CA TYR B 125 24.13 -24.59 9.10
C TYR B 125 24.92 -23.59 9.90
N GLY B 126 24.70 -23.61 11.21
CA GLY B 126 25.46 -22.71 12.05
C GLY B 126 26.91 -23.07 11.79
N ARG B 127 27.78 -22.08 11.79
CA ARG B 127 29.21 -22.31 11.59
C ARG B 127 29.81 -22.28 12.98
N GLY B 128 28.93 -22.10 13.95
CA GLY B 128 29.34 -22.08 15.33
C GLY B 128 30.14 -23.31 15.70
N ARG B 129 31.26 -23.05 16.34
CA ARG B 129 32.18 -24.09 16.78
C ARG B 129 31.41 -25.25 17.41
N SER B 130 30.38 -24.95 18.19
CA SER B 130 29.60 -26.02 18.83
C SER B 130 28.41 -26.53 18.02
N GLY B 131 28.21 -25.98 16.83
CA GLY B 131 27.09 -26.40 15.99
C GLY B 131 26.10 -25.30 15.66
N GLY B 132 25.83 -24.43 16.63
CA GLY B 132 24.90 -23.31 16.42
C GLY B 132 25.60 -22.19 15.70
N GLN B 133 25.08 -20.95 15.81
CA GLN B 133 25.72 -19.81 15.15
C GLN B 133 26.95 -19.33 15.91
N VAL B 134 27.96 -18.88 15.16
CA VAL B 134 29.19 -18.36 15.75
C VAL B 134 28.87 -17.31 16.81
N ARG B 135 27.91 -16.47 16.47
CA ARG B 135 27.46 -15.40 17.35
C ARG B 135 27.21 -15.91 18.78
N ASP B 136 26.66 -17.10 18.87
CA ASP B 136 26.33 -17.68 20.17
C ASP B 136 27.50 -18.30 20.93
N GLU B 137 28.65 -18.40 20.30
CA GLU B 137 29.80 -18.98 20.97
C GLU B 137 30.32 -18.02 22.04
N TYR B 138 30.29 -16.73 21.73
CA TYR B 138 30.82 -15.73 22.65
C TYR B 138 29.85 -14.78 23.35
N ARG B 139 28.55 -14.93 23.08
CA ARG B 139 27.54 -14.09 23.71
C ARG B 139 27.70 -14.06 25.23
N GLN B 140 27.79 -12.87 25.81
CA GLN B 140 27.93 -12.75 27.26
C GLN B 140 26.64 -12.27 27.92
N ASP B 141 25.54 -12.34 27.17
CA ASP B 141 24.23 -11.93 27.65
C ASP B 141 23.33 -13.15 27.80
N TYR B 142 22.29 -13.05 28.62
CA TYR B 142 21.37 -14.17 28.78
C TYR B 142 20.20 -14.04 27.79
N ASP B 143 19.91 -15.12 27.07
CA ASP B 143 18.85 -15.12 26.07
C ASP B 143 18.11 -16.47 26.13
N ALA B 144 16.92 -16.46 26.72
CA ALA B 144 16.11 -17.67 26.86
C ALA B 144 15.52 -18.18 25.54
N GLY B 145 15.74 -17.43 24.47
CA GLY B 145 15.24 -17.84 23.17
C GLY B 145 16.36 -18.50 22.40
N ARG B 146 17.58 -18.34 22.89
CA ARG B 146 18.76 -18.92 22.26
C ARG B 146 19.54 -19.83 23.22
N GLY B 147 18.84 -20.45 24.17
CA GLY B 147 19.49 -21.36 25.09
C GLY B 147 20.27 -20.81 26.26
N GLY B 148 19.82 -19.69 26.83
CA GLY B 148 20.49 -19.10 27.98
C GLY B 148 21.74 -18.29 27.69
N TYR B 149 22.84 -18.62 28.36
CA TYR B 149 24.12 -17.92 28.17
C TYR B 149 24.92 -18.42 26.98
N GLY B 150 25.94 -17.66 26.60
CA GLY B 150 26.80 -18.03 25.49
C GLY B 150 27.40 -19.41 25.69
N LYS B 151 27.92 -19.99 24.61
CA LYS B 151 28.50 -21.33 24.69
C LYS B 151 29.68 -21.40 25.65
N LEU B 152 30.48 -20.33 25.68
CA LEU B 152 31.62 -20.27 26.58
C LEU B 152 31.11 -19.90 27.98
N ALA B 153 30.04 -20.55 28.41
CA ALA B 153 29.47 -20.27 29.72
C ALA B 153 28.59 -21.42 30.21
MG MG C . -13.75 -5.89 -23.91
O1 PG4 D . 1.01 3.35 25.84
C1 PG4 D . 1.59 2.41 24.99
C2 PG4 D . 2.12 2.76 23.73
O2 PG4 D . 2.76 1.71 22.90
C3 PG4 D . 2.73 2.06 21.50
C4 PG4 D . 1.41 1.55 20.89
O3 PG4 D . 0.27 2.44 21.15
C5 PG4 D . -0.56 2.61 19.92
C6 PG4 D . -1.79 1.96 19.74
O4 PG4 D . -2.36 1.09 20.75
C7 PG4 D . -2.21 -0.31 20.45
C8 PG4 D . -1.26 -1.09 21.10
O5 PG4 D . -0.45 -0.55 22.05
C1 GOL E . 0.00 -15.48 3.13
O1 GOL E . -1.33 -15.33 2.23
C2 GOL E . 0.23 -14.79 4.32
O2 GOL E . -0.40 -13.59 4.33
C3 GOL E . 0.95 -15.44 5.04
O3 GOL E . 1.83 -16.59 5.58
C1 GOL F . -0.51 -11.41 0.78
O1 GOL F . 0.51 -12.66 0.87
C2 GOL F . -1.70 -11.24 1.51
O2 GOL F . -1.47 -11.34 2.83
C3 GOL F . -2.63 -11.04 0.76
O3 GOL F . -3.46 -10.82 -0.56
C1 GOL G . 0.65 -18.37 -13.94
O1 GOL G . -0.19 -19.24 -15.00
C2 GOL G . 0.12 -17.61 -12.88
O2 GOL G . -1.17 -17.30 -13.11
C3 GOL G . 0.99 -17.40 -12.04
O3 GOL G . 2.38 -17.43 -11.30
C1 GOL H . -20.12 21.71 8.05
O1 GOL H . -20.18 23.30 7.86
C2 GOL H . -19.02 20.88 7.79
O2 GOL H . -18.01 21.12 8.64
C3 GOL H . -19.27 20.16 6.85
O3 GOL H . -20.04 19.50 5.66
C1 GOL I . -0.08 15.58 -1.92
O1 GOL I . 0.62 14.35 -1.14
C2 GOL I . -1.41 15.63 -2.34
O2 GOL I . -2.23 15.05 -1.44
C3 GOL I . -1.47 16.19 -3.41
O3 GOL I . -1.03 16.95 -4.71
C1 GOL J . 5.00 -38.72 4.62
O1 GOL J . 5.34 -38.53 6.19
C2 GOL J . 5.63 -38.09 3.54
O2 GOL J . 6.97 -38.30 3.58
C3 GOL J . 4.81 -37.52 2.86
O3 GOL J . 3.43 -36.99 2.34
C1 GOL K . -28.38 -14.21 1.18
O1 GOL K . -28.44 -13.16 2.41
C2 GOL K . -27.27 -15.00 0.82
O2 GOL K . -26.55 -15.34 1.90
C3 GOL K . -27.27 -15.16 -0.37
O3 GOL K . -27.70 -15.09 -1.88
C1 GOL L . -20.88 -17.63 -1.85
O1 GOL L . -19.62 -18.63 -1.78
C2 GOL L . -22.17 -17.89 -1.37
O2 GOL L . -22.41 -17.22 -0.22
C3 GOL L . -22.73 -18.66 -2.10
O3 GOL L . -23.01 -19.62 -3.30
C1 GOL M . -13.63 4.57 -16.85
O1 GOL M . -14.45 4.20 -18.18
C2 GOL M . -12.44 3.97 -16.47
O2 GOL M . -11.69 3.67 -17.54
C3 GOL M . -12.36 3.94 -15.27
O3 GOL M . -12.72 4.11 -13.76
C1 GOL N . -11.78 -17.94 13.54
O1 GOL N . -10.95 -19.01 14.40
C2 GOL N . -12.18 -16.68 13.98
O2 GOL N . -11.29 -16.17 14.84
C3 GOL N . -13.22 -16.35 13.46
O3 GOL N . -14.50 -16.37 12.58
C1 GOL O . 15.44 17.50 2.31
O1 GOL O . 15.28 18.73 1.29
C2 GOL O . 14.57 17.22 3.34
O2 GOL O . 13.31 17.64 3.05
C3 GOL O . 15.15 16.64 4.24
O3 GOL O . 16.30 15.94 5.04
PA GTG P . 27.31 -18.06 11.60
O1A GTG P . 25.95 -17.46 11.75
O2A GTG P . 27.60 -19.42 12.14
O3A GTG P . 28.22 -17.62 10.44
PB GTG P . 29.27 -16.46 10.16
O1B GTG P . 28.57 -15.22 10.13
O2B GTG P . 29.79 -17.09 8.90
O3B GTG P . 30.71 -15.88 10.66
N9A GTG P . 25.10 -15.25 8.06
C8A GTG P . 25.45 -14.95 9.35
N7A GTG P . 25.45 -13.68 9.62
C7X GTG P . 25.78 -13.12 10.90
C5A GTG P . 25.05 -13.08 8.42
C6A GTG P . 24.85 -11.71 8.07
O6A GTG P . 24.98 -10.73 8.78
N1A GTG P . 24.45 -11.53 6.74
C2A GTG P . 24.26 -12.53 5.80
N2A GTG P . 23.88 -12.17 4.57
N3A GTG P . 24.44 -13.84 6.13
C4A GTG P . 24.84 -14.03 7.45
O5D GTG P . 26.77 -18.93 10.26
C5D GTG P . 25.35 -19.02 9.83
C4D GTG P . 24.99 -18.71 8.34
O4D GTG P . 24.23 -17.49 8.14
C3D GTG P . 26.16 -18.63 7.39
O3D GTG P . 25.80 -19.45 6.26
C2D GTG P . 26.30 -17.18 6.96
O2D GTG P . 26.56 -16.94 5.59
C1D GTG P . 25.00 -16.56 7.36
PG GTG P . 31.21 -14.63 11.34
O1G GTG P . 31.03 -13.66 10.18
O2G GTG P . 32.63 -14.72 11.91
O5E GTG P . 30.78 -13.33 12.43
C5E GTG P . 30.15 -12.65 13.41
C4E GTG P . 29.30 -13.03 14.42
O4E GTG P . 30.23 -13.81 15.43
C3E GTG P . 29.84 -11.60 14.90
O3E GTG P . 28.86 -10.67 14.86
C2E GTG P . 30.77 -11.58 16.07
O2E GTG P . 30.30 -10.74 17.18
C1E GTG P . 31.04 -12.96 16.46
N9B GTG P . 32.54 -13.32 16.57
C8B GTG P . 33.29 -13.88 15.63
N7B GTG P . 34.49 -14.08 15.95
C5B GTG P . 34.60 -13.61 17.25
C6B GTG P . 35.73 -13.57 18.16
O6B GTG P . 36.88 -13.96 17.98
N1B GTG P . 35.38 -13.01 19.39
C2B GTG P . 34.12 -12.53 19.76
N2B GTG P . 33.98 -12.03 20.98
N3B GTG P . 33.07 -12.57 18.89
C4B GTG P . 33.40 -13.13 17.66
C1 GOL Q . 2.97 -15.34 0.50
O1 GOL Q . 4.44 -14.92 1.01
C2 GOL Q . 2.68 -15.98 -0.71
O2 GOL Q . 3.80 -16.49 -1.28
C3 GOL Q . 1.49 -15.91 -0.95
O3 GOL Q . -0.02 -15.55 -0.79
C1 GOL R . 9.32 -18.02 20.92
O1 GOL R . 10.59 -18.95 20.71
C2 GOL R . 8.02 -18.41 21.29
O2 GOL R . 7.76 -18.03 22.55
C3 GOL R . 7.47 -19.00 20.38
O3 GOL R . 7.19 -19.63 18.97
C1 GOL S . 23.73 -12.60 14.00
O1 GOL S . 24.68 -11.30 13.99
C2 GOL S . 22.40 -12.62 13.62
O2 GOL S . 22.16 -11.67 12.71
C3 GOL S . 21.83 -13.52 14.20
O3 GOL S . 21.55 -14.74 15.12
C1 GOL T . 14.48 -27.32 15.27
O1 GOL T . 14.35 -27.08 13.67
C2 GOL T . 13.45 -27.51 16.15
O2 GOL T . 12.46 -28.18 15.55
C3 GOL T . 13.74 -27.03 17.23
O3 GOL T . 14.57 -26.31 18.35
C1 GOL U . 36.36 -16.71 13.06
O1 GOL U . 36.81 -16.14 11.65
C2 GOL U . 35.52 -16.04 13.93
O2 GOL U . 34.79 -15.10 13.27
C3 GOL U . 35.61 -16.52 15.06
O3 GOL U . 36.03 -17.39 16.30
#